data_7RKX
#
_entry.id   7RKX
#
_cell.length_a   1.00
_cell.length_b   1.00
_cell.length_c   1.00
_cell.angle_alpha   90.00
_cell.angle_beta   90.00
_cell.angle_gamma   90.00
#
_symmetry.space_group_name_H-M   'P 1'
#
loop_
_entity.id
_entity.type
_entity.pdbx_description
1 polymer 'Guanine nucleotide-binding protein G(i) subunit alpha-1'
2 polymer 'Guanine nucleotide-binding protein G(I)/G(S)/G(T) subunit beta-1'
3 polymer 'Guanine nucleotide-binding protein G(I)/G(S)/G(O) subunit gamma-2'
4 polymer 'Antibody fragment scFv16'
5 polymer 'G-protein coupled receptor homolog US27'
#
loop_
_entity_poly.entity_id
_entity_poly.type
_entity_poly.pdbx_seq_one_letter_code
_entity_poly.pdbx_strand_id
1 'polypeptide(L)'
;GCTLSAEDKAAVERSKMIDRNLREDGEKAAREVKLLLLGAGESGKSTIVKQMKIIHEAGYSEEECKQYKAVVYSNTIQSI
IAIIRAMGRLKIDFGDSARADDARQLFVLAGAAEEGFMTAELAGVIKRLWKDSGVQACFNRSREYQLNDSAAYYLNDLDR
IAQPNYIPTQQDVLRTRVKTTGIVETHFTFKDLHFKMFDVGGQRSERKKWIHCFEGVTAIIFCVALSDYDLVLAEDEEMN
RMHESMKLFDSICNNKWFTDTSIILFLNKKDLFEEKIKKSPLTICYPEYAGSNTYEEAAAYIQCQFEDLNKRKDTKEIYT
HFTCATDTKNVQFVFDAVTDVIIKNNLKDCGLF
;
A
2 'polypeptide(L)'
;GPGSSGSELDQLRQEAEQLKNQIRDARKACADATLSQITNNIDPVGRIQMRTRRTLRGHLAKIYAMHWGTDSRLLVSASQ
DGKLIIWDSYTTNKVHAIPLRSSWVMTCAYAPSGNYVACGGLDNICSIYNLKTREGNVRVSRELAGHTGYLSCCRFLDDN
QIVTSSGDTTCALWDIETGQQTTTFTGHTGDVMSLSLAPDTRLFVSGACDASAKLWDVREGMCRQTFTGHESDINAICFF
PNGNAFATGSDDATCRLFDLRADQELMTYSHDNIICGITSVSFSKSGRLLLAGYDDFNCNVWDALKADRAGVLAGHDNRV
SCLGVTDDGMAVATGSWDSFLKIWN
;
B
3 'polypeptide(L)' ASNNTASIAQARKLVEQLKMEANIDRIKVSKAAADLMAYCEAHAKEDPLLTPVPASENPFREKKFFC C
4 'polypeptide(L)'
;DVQLVESGGGLVQPGGSRKLSCSASGFAFSSFGMHWVRQAPEKGLEWVAYISSGSGTIYYADTVKGRFTISRDDPKNTLF
LQMTSLRSEDTAMYYCVRSIYYYGSSPFDFWGQGTTLTVSSGGGGSGGGGSGGGGSDIVMTQATSSVPVTPGESVSISCR
SSKSLLHSNGNTYLYWFLQRPGQSPQLLIYRMSNLASGVPDRFSGSGSGTAFTLTISRLEAEDVGVYYCMQHLEYPLTFG
AGTKLELKGSLEVLFQ
;
D
5 'polypeptide(L)'
;DYKDDDDMTTSTNNQTLTQVSNMTNHTLNSTEIYQLFEYTRLGVWLMCIVGTFLNVLVITTILYYRRKKKSPSDTYICNL
AVADLLIVVGLPFFLEYAKHHPKLSREVVCSGLNACFYICLFAGVCFLINLSMDRYCVIVWGVELNRVRNNKRATCWVVI
FWILAVLMGMPHYLMYSHTNNECVGEFANETSGWFPVFLNTKVNICGYLAPIALMAYTYNRMVRFIINYVGKWHMQTLHV
LLVVVVSFASFWFPFNLALFLESIRLLAGVYNDTLQNVIIFCLYVGQFLAYVRACLNPGIYILVGTQMRKDMWTTLRVFA
CCCVKQEIPYQDIDIELQKDIQRRAKHTKRTHYDRKNAPMESGEEEFLLSRGAAHHHHHHHH
;
R
#
# COMPACT_ATOMS: atom_id res chain seq x y z
N GLY A 1 16.66 -6.71 -15.11
CA GLY A 1 15.99 -5.98 -16.17
C GLY A 1 16.89 -5.70 -17.37
N CYS A 2 17.19 -6.76 -18.13
CA CYS A 2 18.02 -6.64 -19.32
C CYS A 2 17.25 -6.87 -20.62
N THR A 3 16.05 -7.44 -20.54
CA THR A 3 15.23 -7.68 -21.72
C THR A 3 14.22 -6.57 -22.00
N LEU A 4 14.18 -5.54 -21.16
CA LEU A 4 13.24 -4.44 -21.36
C LEU A 4 13.64 -3.60 -22.57
N SER A 5 12.67 -2.86 -23.09
CA SER A 5 12.90 -1.96 -24.21
C SER A 5 13.21 -0.56 -23.69
N ALA A 6 13.34 0.40 -24.60
CA ALA A 6 13.71 1.75 -24.20
C ALA A 6 12.59 2.43 -23.43
N GLU A 7 11.34 2.19 -23.82
CA GLU A 7 10.21 2.81 -23.15
C GLU A 7 9.86 2.15 -21.82
N ASP A 8 10.11 0.85 -21.71
CA ASP A 8 9.82 0.15 -20.45
C ASP A 8 10.69 0.66 -19.32
N LYS A 9 11.95 0.96 -19.61
CA LYS A 9 12.84 1.48 -18.57
C LYS A 9 12.35 2.83 -18.05
N ALA A 10 11.84 3.67 -18.95
CA ALA A 10 11.33 4.97 -18.51
C ALA A 10 10.03 4.83 -17.74
N ALA A 11 9.24 3.80 -18.07
CA ALA A 11 8.03 3.55 -17.28
C ALA A 11 8.39 3.08 -15.87
N VAL A 12 9.43 2.26 -15.75
CA VAL A 12 9.88 1.83 -14.43
C VAL A 12 10.42 3.02 -13.64
N GLU A 13 11.15 3.92 -14.30
CA GLU A 13 11.67 5.08 -13.59
C GLU A 13 10.55 6.00 -13.12
N ARG A 14 9.49 6.15 -13.91
CA ARG A 14 8.34 6.91 -13.47
C ARG A 14 7.68 6.27 -12.26
N SER A 15 7.56 4.93 -12.26
CA SER A 15 6.98 4.26 -11.12
C SER A 15 7.84 4.40 -9.87
N LYS A 16 9.17 4.45 -10.03
CA LYS A 16 10.04 4.64 -8.88
C LYS A 16 9.89 6.03 -8.29
N MET A 17 9.72 7.05 -9.15
CA MET A 17 9.51 8.40 -8.63
C MET A 17 8.16 8.51 -7.92
N ILE A 18 7.14 7.80 -8.43
CA ILE A 18 5.86 7.78 -7.74
C ILE A 18 5.99 7.12 -6.37
N ASP A 19 6.76 6.03 -6.28
CA ASP A 19 6.98 5.37 -4.99
C ASP A 19 7.67 6.30 -4.02
N ARG A 20 8.68 7.04 -4.48
CA ARG A 20 9.39 7.97 -3.62
C ARG A 20 8.44 9.04 -3.06
N ASN A 21 7.59 9.59 -3.92
CA ASN A 21 6.70 10.65 -3.46
C ASN A 21 5.65 10.09 -2.50
N LEU A 22 5.17 8.86 -2.74
CA LEU A 22 4.22 8.26 -1.81
C LEU A 22 4.84 8.03 -0.43
N ARG A 23 6.09 7.55 -0.40
CA ARG A 23 6.73 7.28 0.88
C ARG A 23 6.98 8.58 1.63
N GLU A 24 7.38 9.64 0.93
CA GLU A 24 7.63 10.90 1.61
C GLU A 24 6.33 11.52 2.11
N ASP A 25 5.24 11.36 1.37
CA ASP A 25 3.95 11.90 1.82
C ASP A 25 3.44 11.14 3.04
N GLY A 26 3.61 9.82 3.05
CA GLY A 26 3.20 9.06 4.22
C GLY A 26 4.03 9.39 5.46
N GLU A 27 5.34 9.57 5.27
CA GLU A 27 6.19 9.97 6.39
C GLU A 27 5.80 11.35 6.92
N LYS A 28 5.40 12.24 6.02
CA LYS A 28 4.98 13.57 6.46
C LYS A 28 3.65 13.53 7.19
N ALA A 29 2.72 12.68 6.74
CA ALA A 29 1.39 12.63 7.33
C ALA A 29 1.30 11.68 8.52
N ALA A 30 2.38 10.98 8.85
CA ALA A 30 2.36 10.14 10.05
C ALA A 30 2.65 10.93 11.33
N ARG A 31 2.90 12.23 11.25
CA ARG A 31 3.20 13.05 12.41
C ARG A 31 1.99 13.84 12.89
N GLU A 32 0.80 13.46 12.47
CA GLU A 32 -0.43 14.15 12.85
C GLU A 32 -1.05 13.49 14.07
N VAL A 33 -1.85 14.26 14.79
CA VAL A 33 -2.66 13.77 15.92
C VAL A 33 -4.12 13.93 15.54
N LYS A 34 -4.83 12.82 15.44
CA LYS A 34 -6.21 12.81 14.98
C LYS A 34 -7.14 12.55 16.15
N LEU A 35 -8.16 13.40 16.28
CA LEU A 35 -9.13 13.31 17.36
C LEU A 35 -10.53 13.17 16.77
N LEU A 36 -11.38 12.40 17.42
CA LEU A 36 -12.76 12.23 16.98
C LEU A 36 -13.69 12.94 17.95
N LEU A 37 -14.51 13.85 17.46
CA LEU A 37 -15.34 14.70 18.29
C LEU A 37 -16.78 14.19 18.30
N LEU A 38 -17.30 13.83 19.47
CA LEU A 38 -18.63 13.27 19.62
C LEU A 38 -19.39 14.00 20.73
N GLY A 39 -20.70 13.76 20.73
CA GLY A 39 -21.59 14.44 21.65
C GLY A 39 -23.02 14.06 21.32
N ALA A 40 -23.94 14.56 22.14
CA ALA A 40 -25.35 14.22 22.04
C ALA A 40 -26.13 15.45 21.61
N GLY A 41 -26.22 15.66 20.29
CA GLY A 41 -27.01 16.76 19.78
C GLY A 41 -26.41 18.10 20.16
N GLU A 42 -27.25 18.98 20.67
CA GLU A 42 -26.81 20.31 21.12
C GLU A 42 -26.22 20.15 22.52
N SER A 43 -24.90 20.18 22.61
CA SER A 43 -24.21 20.00 23.88
C SER A 43 -23.20 21.12 24.10
N GLY A 44 -22.68 21.69 23.02
CA GLY A 44 -21.67 22.72 23.12
C GLY A 44 -20.46 22.42 22.26
N LYS A 45 -20.62 21.51 21.29
CA LYS A 45 -19.56 21.21 20.36
C LYS A 45 -19.14 22.44 19.58
N SER A 46 -20.11 23.26 19.17
CA SER A 46 -19.80 24.50 18.47
C SER A 46 -19.01 25.44 19.36
N THR A 47 -19.35 25.53 20.64
CA THR A 47 -18.60 26.37 21.56
C THR A 47 -17.16 25.90 21.70
N ILE A 48 -16.96 24.58 21.81
CA ILE A 48 -15.61 24.04 21.95
C ILE A 48 -14.79 24.31 20.70
N VAL A 49 -15.35 24.02 19.52
CA VAL A 49 -14.57 24.25 18.30
C VAL A 49 -14.31 25.75 18.12
N LYS A 50 -15.24 26.61 18.53
CA LYS A 50 -15.03 28.04 18.40
C LYS A 50 -13.93 28.53 19.34
N GLN A 51 -13.90 28.04 20.58
CA GLN A 51 -12.92 28.50 21.55
C GLN A 51 -11.60 27.74 21.47
N MET A 52 -11.51 26.74 20.59
CA MET A 52 -10.23 26.10 20.32
C MET A 52 -9.68 26.43 18.94
N LYS A 53 -10.45 27.08 18.08
CA LYS A 53 -9.97 27.46 16.76
C LYS A 53 -9.07 28.67 16.95
N ILE A 54 -7.86 28.40 17.46
CA ILE A 54 -6.93 29.47 17.78
C ILE A 54 -6.34 30.04 16.50
N ILE A 55 -6.03 29.20 15.53
CA ILE A 55 -5.49 29.60 14.24
C ILE A 55 -6.40 29.08 13.14
N HIS A 56 -6.09 29.47 11.90
CA HIS A 56 -6.84 29.03 10.74
C HIS A 56 -5.88 28.57 9.66
N GLU A 57 -6.19 27.44 9.03
CA GLU A 57 -5.35 26.92 7.95
C GLU A 57 -6.22 26.42 6.80
N THR A 181 -24.03 18.25 3.51
CA THR A 181 -23.07 18.68 4.51
C THR A 181 -21.86 17.75 4.55
N GLY A 182 -22.00 16.63 5.23
CA GLY A 182 -20.96 15.62 5.21
C GLY A 182 -20.15 15.52 6.48
N ILE A 183 -18.87 15.86 6.40
CA ILE A 183 -17.95 15.82 7.52
C ILE A 183 -17.22 17.15 7.58
N VAL A 184 -16.78 17.52 8.79
CA VAL A 184 -16.17 18.83 9.05
C VAL A 184 -14.77 18.62 9.59
N GLU A 185 -13.83 19.43 9.10
CA GLU A 185 -12.43 19.29 9.42
C GLU A 185 -11.92 20.53 10.14
N THR A 186 -10.94 20.35 11.01
CA THR A 186 -10.32 21.47 11.71
C THR A 186 -8.87 21.13 11.99
N HIS A 187 -7.95 21.96 11.51
CA HIS A 187 -6.52 21.75 11.68
C HIS A 187 -5.95 22.92 12.46
N PHE A 188 -5.15 22.62 13.49
CA PHE A 188 -4.55 23.71 14.27
C PHE A 188 -3.25 23.23 14.90
N THR A 189 -2.47 24.21 15.37
CA THR A 189 -1.17 23.95 15.99
C THR A 189 -1.12 24.60 17.36
N PHE A 190 -0.56 23.87 18.32
CA PHE A 190 -0.38 24.37 19.69
C PHE A 190 0.93 23.80 20.20
N LYS A 191 1.93 24.68 20.38
CA LYS A 191 3.28 24.28 20.77
C LYS A 191 3.83 23.26 19.79
N ASP A 192 3.98 23.72 18.54
CA ASP A 192 4.57 23.00 17.39
C ASP A 192 3.99 21.58 17.20
N LEU A 193 2.77 21.34 17.67
CA LEU A 193 2.12 20.05 17.53
C LEU A 193 0.83 20.24 16.75
N HIS A 194 0.67 19.46 15.69
CA HIS A 194 -0.48 19.59 14.79
C HIS A 194 -1.62 18.68 15.24
N PHE A 195 -2.83 19.21 15.21
CA PHE A 195 -4.03 18.46 15.54
C PHE A 195 -5.04 18.60 14.41
N LYS A 196 -5.80 17.52 14.21
CA LYS A 196 -6.94 17.49 13.29
C LYS A 196 -8.12 16.89 14.02
N MET A 197 -9.27 17.56 13.95
CA MET A 197 -10.44 17.19 14.73
C MET A 197 -11.63 16.98 13.80
N PHE A 198 -12.13 15.75 13.73
CA PHE A 198 -13.20 15.38 12.82
C PHE A 198 -14.54 15.45 13.55
N ASP A 199 -15.53 16.06 12.91
CA ASP A 199 -16.87 16.18 13.45
C ASP A 199 -17.85 15.51 12.49
N VAL A 200 -18.66 14.59 13.01
CA VAL A 200 -19.57 13.80 12.17
C VAL A 200 -21.00 13.97 12.64
N GLY A 201 -21.33 15.14 13.17
CA GLY A 201 -22.66 15.36 13.71
C GLY A 201 -23.75 15.51 12.67
N GLY A 202 -23.40 15.64 11.39
CA GLY A 202 -24.38 15.74 10.34
C GLY A 202 -24.81 14.44 9.70
N GLN A 203 -24.18 13.33 10.08
CA GLN A 203 -24.51 12.02 9.53
C GLN A 203 -25.71 11.45 10.27
N ARG A 204 -26.84 11.37 9.58
CA ARG A 204 -28.06 10.81 10.14
C ARG A 204 -28.27 9.36 9.78
N SER A 205 -27.29 8.73 9.12
CA SER A 205 -27.41 7.33 8.74
C SER A 205 -27.00 6.44 9.92
N GLU A 206 -26.84 5.15 9.67
CA GLU A 206 -26.54 4.19 10.73
C GLU A 206 -25.10 4.31 11.17
N ARG A 207 -24.87 4.39 12.48
CA ARG A 207 -23.52 4.57 13.00
C ARG A 207 -22.70 3.30 12.89
N LYS A 208 -23.35 2.13 12.86
CA LYS A 208 -22.63 0.86 12.82
C LYS A 208 -21.99 0.59 11.46
N LYS A 209 -22.30 1.40 10.44
CA LYS A 209 -21.83 1.14 9.09
C LYS A 209 -20.62 1.98 8.69
N TRP A 210 -20.22 2.97 9.50
CA TRP A 210 -19.05 3.76 9.15
C TRP A 210 -18.14 4.04 10.35
N ILE A 211 -18.40 3.43 11.51
CA ILE A 211 -17.56 3.75 12.67
C ILE A 211 -16.21 3.06 12.60
N HIS A 212 -16.09 1.95 11.88
CA HIS A 212 -14.82 1.24 11.82
C HIS A 212 -13.79 1.99 10.98
N CYS A 213 -14.19 3.06 10.30
CA CYS A 213 -13.24 3.92 9.64
C CYS A 213 -12.42 4.73 10.64
N PHE A 214 -12.92 4.89 11.86
CA PHE A 214 -12.29 5.78 12.82
C PHE A 214 -11.47 5.06 13.88
N GLU A 215 -11.26 3.76 13.73
CA GLU A 215 -10.34 3.08 14.64
C GLU A 215 -8.92 3.47 14.29
N GLY A 216 -8.09 3.61 15.32
CA GLY A 216 -6.73 4.10 15.13
C GLY A 216 -6.56 5.59 15.33
N VAL A 217 -7.63 6.32 15.64
CA VAL A 217 -7.44 7.72 16.02
C VAL A 217 -6.76 7.79 17.37
N THR A 218 -6.19 8.96 17.66
CA THR A 218 -5.45 9.12 18.91
C THR A 218 -6.39 9.14 20.11
N ALA A 219 -7.47 9.91 20.02
CA ALA A 219 -8.37 10.01 21.17
C ALA A 219 -9.77 10.42 20.72
N ILE A 220 -10.69 10.43 21.67
CA ILE A 220 -12.07 10.83 21.47
C ILE A 220 -12.35 11.99 22.40
N ILE A 221 -13.04 13.01 21.90
CA ILE A 221 -13.47 14.14 22.70
C ILE A 221 -14.99 14.06 22.80
N PHE A 222 -15.49 13.79 24.00
CA PHE A 222 -16.93 13.61 24.21
C PHE A 222 -17.46 14.81 24.98
N CYS A 223 -18.47 15.48 24.43
CA CYS A 223 -18.99 16.71 25.01
C CYS A 223 -20.37 16.47 25.63
N VAL A 224 -20.51 16.82 26.90
CA VAL A 224 -21.76 16.67 27.64
C VAL A 224 -22.08 18.01 28.29
N ALA A 225 -23.34 18.41 28.25
CA ALA A 225 -23.77 19.66 28.86
C ALA A 225 -24.47 19.37 30.18
N LEU A 226 -23.98 20.00 31.25
CA LEU A 226 -24.50 19.77 32.59
C LEU A 226 -25.87 20.38 32.83
N SER A 227 -26.36 21.22 31.93
CA SER A 227 -27.63 21.90 32.17
C SER A 227 -28.84 21.05 31.78
N ASP A 228 -28.63 19.83 31.30
CA ASP A 228 -29.71 18.99 30.80
C ASP A 228 -30.28 18.03 31.82
N TYR A 229 -29.94 18.16 33.10
CA TYR A 229 -30.36 17.15 34.06
C TYR A 229 -31.86 17.17 34.32
N ASP A 230 -32.57 18.18 33.85
CA ASP A 230 -34.02 18.28 34.04
C ASP A 230 -34.70 18.72 32.76
N LEU A 231 -34.23 18.22 31.62
CA LEU A 231 -34.81 18.57 30.33
C LEU A 231 -35.13 17.30 29.55
N VAL A 232 -36.12 17.41 28.67
CA VAL A 232 -36.57 16.25 27.89
C VAL A 232 -36.54 16.57 26.40
N ASN A 240 -34.60 11.95 31.58
CA ASN A 240 -34.27 13.25 31.02
C ASN A 240 -33.43 13.12 29.77
N ARG A 241 -32.84 14.22 29.33
CA ARG A 241 -31.92 14.19 28.19
C ARG A 241 -30.52 13.77 28.59
N MET A 242 -30.19 13.78 29.88
CA MET A 242 -28.90 13.27 30.31
C MET A 242 -28.77 11.77 30.08
N HIS A 243 -29.88 11.03 30.21
CA HIS A 243 -29.83 9.59 30.01
C HIS A 243 -29.50 9.22 28.58
N GLU A 244 -29.84 10.08 27.62
CA GLU A 244 -29.40 9.84 26.24
C GLU A 244 -27.89 9.99 26.12
N SER A 245 -27.32 10.97 26.82
CA SER A 245 -25.87 11.10 26.85
C SER A 245 -25.21 9.90 27.51
N MET A 246 -25.82 9.38 28.58
CA MET A 246 -25.29 8.20 29.24
C MET A 246 -25.32 6.99 28.32
N LYS A 247 -26.42 6.82 27.58
CA LYS A 247 -26.52 5.70 26.65
C LYS A 247 -25.49 5.82 25.54
N LEU A 248 -25.29 7.03 25.01
CA LEU A 248 -24.31 7.19 23.94
C LEU A 248 -22.89 6.97 24.45
N PHE A 249 -22.59 7.45 25.66
CA PHE A 249 -21.26 7.22 26.23
C PHE A 249 -21.02 5.74 26.50
N ASP A 250 -22.04 5.03 26.96
CA ASP A 250 -21.90 3.59 27.18
C ASP A 250 -21.74 2.85 25.86
N SER A 251 -22.40 3.31 24.81
CA SER A 251 -22.25 2.69 23.50
C SER A 251 -20.85 2.88 22.95
N ILE A 252 -20.29 4.08 23.12
CA ILE A 252 -19.00 4.37 22.49
C ILE A 252 -17.81 3.92 23.34
N CYS A 253 -17.96 3.87 24.67
CA CYS A 253 -16.84 3.51 25.53
C CYS A 253 -16.54 2.02 25.50
N ASN A 254 -17.56 1.18 25.30
CA ASN A 254 -17.42 -0.27 25.34
C ASN A 254 -17.53 -0.87 23.95
N ASN A 255 -17.13 -0.12 22.93
CA ASN A 255 -17.23 -0.58 21.56
C ASN A 255 -16.17 -1.62 21.26
N LYS A 256 -16.34 -2.34 20.16
CA LYS A 256 -15.40 -3.37 19.76
C LYS A 256 -14.24 -2.83 18.94
N TRP A 257 -14.30 -1.58 18.51
CA TRP A 257 -13.21 -0.95 17.78
C TRP A 257 -12.38 -0.01 18.64
N PHE A 258 -12.90 0.41 19.78
CA PHE A 258 -12.26 1.37 20.66
C PHE A 258 -11.86 0.72 21.98
N THR A 259 -11.28 -0.48 21.90
CA THR A 259 -10.88 -1.21 23.09
C THR A 259 -9.68 -0.60 23.79
N ASP A 260 -8.98 0.34 23.15
CA ASP A 260 -7.83 0.97 23.76
C ASP A 260 -7.76 2.47 23.52
N THR A 261 -8.75 3.07 22.87
CA THR A 261 -8.71 4.49 22.56
C THR A 261 -9.17 5.30 23.76
N SER A 262 -8.37 6.30 24.13
CA SER A 262 -8.65 7.11 25.30
C SER A 262 -9.74 8.14 25.02
N ILE A 263 -10.42 8.55 26.09
CA ILE A 263 -11.56 9.46 26.02
C ILE A 263 -11.26 10.67 26.88
N ILE A 264 -11.46 11.85 26.31
CA ILE A 264 -11.40 13.13 27.02
C ILE A 264 -12.83 13.64 27.12
N LEU A 265 -13.26 13.93 28.34
CA LEU A 265 -14.67 14.24 28.60
C LEU A 265 -14.79 15.70 29.02
N PHE A 266 -15.60 16.46 28.29
CA PHE A 266 -15.85 17.87 28.59
C PHE A 266 -17.25 18.03 29.13
N LEU A 267 -17.38 18.73 30.25
CA LEU A 267 -18.66 18.98 30.90
C LEU A 267 -18.93 20.48 30.80
N ASN A 268 -19.60 20.89 29.71
CA ASN A 268 -19.84 22.30 29.42
C ASN A 268 -20.99 22.85 30.24
N LYS A 269 -21.25 24.15 30.07
CA LYS A 269 -22.39 24.85 30.67
C LYS A 269 -22.38 24.76 32.19
N LYS A 270 -21.22 25.03 32.77
CA LYS A 270 -21.08 25.02 34.23
C LYS A 270 -21.92 26.12 34.88
N ASP A 271 -21.88 27.33 34.33
CA ASP A 271 -22.55 28.46 34.97
C ASP A 271 -24.06 28.30 34.98
N LEU A 272 -24.62 27.80 33.87
CA LEU A 272 -26.07 27.61 33.82
C LEU A 272 -26.50 26.48 34.74
N PHE A 273 -25.63 25.48 34.94
CA PHE A 273 -25.91 24.44 35.91
C PHE A 273 -25.89 25.01 37.33
N GLU A 274 -24.97 25.93 37.59
CA GLU A 274 -24.93 26.60 38.88
C GLU A 274 -26.21 27.39 39.13
N GLU A 275 -26.71 28.07 38.10
CA GLU A 275 -27.91 28.87 38.28
C GLU A 275 -29.15 27.99 38.40
N LYS A 276 -29.21 26.89 37.66
CA LYS A 276 -30.40 26.04 37.68
C LYS A 276 -30.49 25.16 38.91
N ILE A 277 -29.35 24.72 39.47
CA ILE A 277 -29.41 23.80 40.60
C ILE A 277 -29.99 24.45 41.85
N LYS A 278 -29.93 25.78 41.95
CA LYS A 278 -30.43 26.45 43.14
C LYS A 278 -31.95 26.37 43.27
N LYS A 279 -32.66 26.05 42.19
CA LYS A 279 -34.11 25.95 42.20
C LYS A 279 -34.60 24.53 41.93
N SER A 280 -34.14 23.89 40.86
CA SER A 280 -34.56 22.53 40.53
C SER A 280 -33.57 21.55 41.14
N PRO A 281 -33.99 20.69 42.07
CA PRO A 281 -33.05 19.78 42.71
C PRO A 281 -32.57 18.70 41.75
N LEU A 282 -31.36 18.20 42.02
CA LEU A 282 -30.77 17.18 41.17
C LEU A 282 -31.54 15.86 41.21
N THR A 283 -32.35 15.64 42.25
CA THR A 283 -33.06 14.37 42.40
C THR A 283 -34.08 14.13 41.28
N ILE A 284 -34.42 15.16 40.50
CA ILE A 284 -35.30 14.96 39.36
C ILE A 284 -34.64 14.07 38.31
N CYS A 285 -33.31 14.02 38.27
CA CYS A 285 -32.60 13.16 37.34
C CYS A 285 -32.23 11.82 37.98
N TYR A 286 -31.72 11.84 39.20
CA TYR A 286 -31.34 10.63 39.90
C TYR A 286 -32.31 10.40 41.04
N PRO A 287 -33.08 9.29 41.03
CA PRO A 287 -33.92 9.00 42.19
C PRO A 287 -33.14 8.51 43.40
N GLU A 288 -31.89 8.08 43.23
CA GLU A 288 -31.10 7.51 44.30
C GLU A 288 -30.15 8.52 44.94
N TYR A 289 -30.22 9.79 44.54
CA TYR A 289 -29.31 10.78 45.07
C TYR A 289 -29.68 11.17 46.50
N ALA A 290 -28.66 11.39 47.32
CA ALA A 290 -28.89 11.74 48.72
C ALA A 290 -27.93 12.83 49.22
N GLY A 291 -27.21 13.51 48.33
CA GLY A 291 -26.27 14.54 48.73
C GLY A 291 -26.91 15.90 48.89
N SER A 292 -26.05 16.88 49.15
CA SER A 292 -26.50 18.25 49.34
C SER A 292 -26.72 18.95 48.01
N ASN A 293 -27.67 19.88 48.00
CA ASN A 293 -28.02 20.65 46.80
C ASN A 293 -27.05 21.81 46.65
N THR A 294 -25.86 21.49 46.15
CA THR A 294 -24.84 22.49 45.89
C THR A 294 -23.91 21.98 44.79
N TYR A 295 -23.15 22.91 44.21
CA TYR A 295 -22.39 22.62 43.01
C TYR A 295 -21.29 21.58 43.26
N GLU A 296 -20.46 21.79 44.28
CA GLU A 296 -19.27 20.98 44.46
C GLU A 296 -19.60 19.50 44.59
N GLU A 297 -20.70 19.16 45.27
CA GLU A 297 -21.04 17.76 45.47
C GLU A 297 -21.72 17.17 44.24
N ALA A 298 -22.66 17.92 43.65
CA ALA A 298 -23.44 17.39 42.54
C ALA A 298 -22.59 17.20 41.30
N ALA A 299 -21.62 18.10 41.05
CA ALA A 299 -20.78 17.95 39.88
C ALA A 299 -19.89 16.71 40.01
N ALA A 300 -19.37 16.45 41.21
CA ALA A 300 -18.57 15.25 41.40
C ALA A 300 -19.44 14.01 41.30
N TYR A 301 -20.70 14.10 41.70
CA TYR A 301 -21.59 12.94 41.57
C TYR A 301 -21.89 12.65 40.10
N ILE A 302 -22.12 13.69 39.30
CA ILE A 302 -22.35 13.50 37.86
C ILE A 302 -21.11 12.90 37.22
N GLN A 303 -19.93 13.42 37.57
CA GLN A 303 -18.70 12.91 37.01
C GLN A 303 -18.52 11.44 37.35
N CYS A 304 -18.88 11.04 38.58
CA CYS A 304 -18.74 9.63 38.93
C CYS A 304 -19.79 8.78 38.23
N GLN A 305 -21.01 9.32 38.02
CA GLN A 305 -22.01 8.57 37.27
C GLN A 305 -21.72 8.53 35.79
N PHE A 306 -20.63 9.15 35.35
CA PHE A 306 -20.19 9.04 33.97
C PHE A 306 -18.92 8.22 33.83
N GLU A 307 -18.04 8.27 34.82
CA GLU A 307 -16.87 7.42 34.83
C GLU A 307 -17.25 5.96 35.12
N ASP A 308 -18.26 5.75 35.96
CA ASP A 308 -18.68 4.40 36.35
C ASP A 308 -19.44 3.65 35.25
N LEU A 309 -19.12 3.91 33.99
CA LEU A 309 -19.66 3.16 32.87
C LEU A 309 -18.59 2.45 32.08
N ASN A 310 -17.32 2.76 32.34
CA ASN A 310 -16.22 2.03 31.73
C ASN A 310 -16.15 0.62 32.33
N LYS A 311 -15.93 -0.37 31.46
CA LYS A 311 -15.80 -1.76 31.91
C LYS A 311 -14.44 -2.33 31.51
N ARG A 312 -13.46 -1.46 31.34
CA ARG A 312 -12.11 -1.87 30.97
C ARG A 312 -11.10 -0.92 31.59
N LYS A 313 -11.23 -0.69 32.89
CA LYS A 313 -10.40 0.27 33.62
C LYS A 313 -8.92 -0.13 33.64
N ASP A 314 -8.57 -1.26 33.06
CA ASP A 314 -7.18 -1.68 32.98
C ASP A 314 -6.52 -1.28 31.67
N THR A 315 -7.29 -0.93 30.65
CA THR A 315 -6.74 -0.67 29.32
C THR A 315 -6.73 0.82 28.96
N LYS A 316 -7.87 1.48 29.04
CA LYS A 316 -8.01 2.88 28.66
C LYS A 316 -8.18 3.74 29.91
N GLU A 317 -8.41 5.04 29.69
CA GLU A 317 -8.59 5.97 30.79
C GLU A 317 -9.56 7.06 30.36
N ILE A 318 -10.15 7.72 31.35
CA ILE A 318 -11.07 8.83 31.13
C ILE A 318 -10.46 10.09 31.73
N TYR A 319 -10.41 11.16 30.94
CA TYR A 319 -9.93 12.46 31.40
C TYR A 319 -11.10 13.43 31.45
N THR A 320 -11.28 14.10 32.58
CA THR A 320 -12.41 14.98 32.81
C THR A 320 -11.92 16.40 33.03
N HIS A 321 -12.59 17.37 32.41
CA HIS A 321 -12.26 18.77 32.55
C HIS A 321 -13.55 19.57 32.55
N PHE A 322 -13.76 20.40 33.56
CA PHE A 322 -14.91 21.30 33.60
C PHE A 322 -14.56 22.53 32.80
N THR A 323 -15.26 22.74 31.68
CA THR A 323 -14.87 23.76 30.71
C THR A 323 -15.02 25.16 31.31
N CYS A 324 -13.97 25.96 31.19
CA CYS A 324 -13.89 27.30 31.76
C CYS A 324 -13.75 28.32 30.64
N ALA A 325 -14.40 29.47 30.83
CA ALA A 325 -14.41 30.51 29.80
C ALA A 325 -13.05 31.17 29.60
N THR A 326 -12.11 30.96 30.51
CA THR A 326 -10.77 31.50 30.33
C THR A 326 -10.09 30.85 29.14
N ASP A 327 -9.40 31.65 28.36
CA ASP A 327 -8.78 31.19 27.12
C ASP A 327 -7.58 30.30 27.42
N THR A 328 -7.19 29.52 26.39
CA THR A 328 -6.01 28.65 26.40
C THR A 328 -6.11 27.44 27.33
N LYS A 329 -6.90 27.53 28.40
CA LYS A 329 -6.92 26.44 29.37
C LYS A 329 -7.37 25.13 28.74
N ASN A 330 -8.45 25.16 27.95
CA ASN A 330 -9.00 23.92 27.40
C ASN A 330 -8.00 23.24 26.48
N VAL A 331 -7.34 24.01 25.62
CA VAL A 331 -6.44 23.40 24.65
C VAL A 331 -5.22 22.89 25.38
N GLN A 332 -4.85 23.53 26.49
CA GLN A 332 -3.72 23.05 27.27
C GLN A 332 -4.05 21.67 27.82
N PHE A 333 -5.26 21.50 28.33
CA PHE A 333 -5.68 20.22 28.90
C PHE A 333 -5.65 19.13 27.85
N VAL A 334 -6.12 19.46 26.64
CA VAL A 334 -6.05 18.50 25.54
C VAL A 334 -4.60 18.17 25.22
N PHE A 335 -3.72 19.18 25.23
CA PHE A 335 -2.33 18.95 24.87
C PHE A 335 -1.66 18.03 25.87
N ASP A 336 -1.90 18.28 27.16
CA ASP A 336 -1.31 17.45 28.20
C ASP A 336 -1.81 16.02 28.08
N ALA A 337 -3.12 15.85 27.84
CA ALA A 337 -3.66 14.50 27.76
C ALA A 337 -3.07 13.75 26.57
N VAL A 338 -2.98 14.41 25.41
CA VAL A 338 -2.49 13.70 24.23
C VAL A 338 -1.02 13.32 24.42
N THR A 339 -0.22 14.19 25.05
CA THR A 339 1.17 13.81 25.31
C THR A 339 1.24 12.61 26.23
N ASP A 340 0.55 12.66 27.37
CA ASP A 340 0.70 11.55 28.31
C ASP A 340 0.04 10.28 27.80
N VAL A 341 -0.76 10.37 26.72
CA VAL A 341 -1.28 9.16 26.08
C VAL A 341 -0.27 8.61 25.09
N ILE A 342 0.40 9.49 24.35
CA ILE A 342 1.42 9.05 23.39
C ILE A 342 2.57 8.37 24.11
N ILE A 343 3.02 8.96 25.22
CA ILE A 343 4.15 8.40 25.95
C ILE A 343 3.82 7.01 26.48
N LYS A 344 2.63 6.85 27.06
CA LYS A 344 2.24 5.52 27.54
C LYS A 344 2.01 4.54 26.41
N ASN A 345 1.72 5.02 25.19
CA ASN A 345 1.58 4.09 24.08
C ASN A 345 2.94 3.61 23.61
N ASN A 346 3.89 4.53 23.45
CA ASN A 346 5.24 4.16 23.06
C ASN A 346 5.88 3.25 24.10
N LEU A 347 5.59 3.47 25.38
CA LEU A 347 6.17 2.63 26.41
C LEU A 347 5.48 1.27 26.47
N LYS A 348 4.17 1.22 26.27
CA LYS A 348 3.45 -0.04 26.31
C LYS A 348 3.85 -0.95 25.16
N ASP A 349 4.03 -0.38 23.96
CA ASP A 349 4.19 -1.24 22.78
C ASP A 349 5.63 -1.70 22.62
N CYS A 350 6.59 -0.78 22.63
CA CYS A 350 8.00 -1.10 22.42
C CYS A 350 8.61 -2.00 23.50
N GLY A 351 7.86 -2.35 24.53
CA GLY A 351 8.31 -3.33 25.48
C GLY A 351 7.84 -4.75 25.19
N LEU A 352 7.34 -5.00 23.98
CA LEU A 352 6.74 -6.28 23.66
C LEU A 352 7.79 -7.39 23.61
N PHE A 353 8.91 -7.14 22.94
CA PHE A 353 9.94 -8.14 22.60
C PHE A 353 9.35 -9.46 22.10
N GLU B 8 -59.84 4.41 5.33
CA GLU B 8 -59.00 4.81 6.45
C GLU B 8 -57.68 4.04 6.44
N LEU B 9 -56.88 4.24 7.49
CA LEU B 9 -55.56 3.61 7.55
C LEU B 9 -55.67 2.09 7.69
N ASP B 10 -56.60 1.62 8.54
CA ASP B 10 -56.70 0.19 8.82
C ASP B 10 -57.10 -0.60 7.59
N GLN B 11 -58.02 -0.05 6.78
CA GLN B 11 -58.40 -0.72 5.55
C GLN B 11 -57.23 -0.81 4.58
N LEU B 12 -56.34 0.19 4.60
CA LEU B 12 -55.18 0.15 3.72
C LEU B 12 -54.16 -0.87 4.20
N ARG B 13 -53.99 -1.02 5.52
CA ARG B 13 -53.11 -2.07 6.03
C ARG B 13 -53.67 -3.45 5.69
N GLN B 14 -54.98 -3.63 5.79
CA GLN B 14 -55.58 -4.90 5.40
C GLN B 14 -55.41 -5.15 3.91
N GLU B 15 -55.51 -4.09 3.10
CA GLU B 15 -55.32 -4.25 1.66
C GLU B 15 -53.90 -4.67 1.34
N ALA B 16 -52.92 -4.08 2.04
CA ALA B 16 -51.53 -4.47 1.82
C ALA B 16 -51.29 -5.90 2.28
N GLU B 17 -51.99 -6.35 3.32
CA GLU B 17 -51.85 -7.74 3.74
C GLU B 17 -52.44 -8.70 2.71
N GLN B 18 -53.58 -8.34 2.12
CA GLN B 18 -54.16 -9.19 1.08
C GLN B 18 -53.26 -9.26 -0.14
N LEU B 19 -52.63 -8.13 -0.50
CA LEU B 19 -51.71 -8.15 -1.64
C LEU B 19 -50.47 -8.98 -1.34
N LYS B 20 -49.98 -8.92 -0.10
CA LYS B 20 -48.83 -9.74 0.26
C LYS B 20 -49.18 -11.23 0.20
N ASN B 21 -50.36 -11.60 0.67
CA ASN B 21 -50.78 -12.99 0.60
C ASN B 21 -50.93 -13.46 -0.84
N GLN B 22 -51.48 -12.59 -1.71
CA GLN B 22 -51.61 -12.96 -3.12
C GLN B 22 -50.25 -13.17 -3.76
N ILE B 23 -49.29 -12.29 -3.48
CA ILE B 23 -47.95 -12.45 -4.04
C ILE B 23 -47.30 -13.73 -3.55
N ARG B 24 -47.44 -14.02 -2.25
CA ARG B 24 -46.82 -15.22 -1.69
C ARG B 24 -47.41 -16.49 -2.28
N ASP B 25 -48.73 -16.52 -2.46
CA ASP B 25 -49.35 -17.72 -3.02
C ASP B 25 -49.01 -17.89 -4.50
N ALA B 26 -48.94 -16.78 -5.24
CA ALA B 26 -48.58 -16.89 -6.66
C ALA B 26 -47.12 -17.31 -6.83
N ARG B 27 -46.24 -16.88 -5.93
CA ARG B 27 -44.87 -17.38 -5.98
C ARG B 27 -44.81 -18.87 -5.63
N LYS B 28 -45.57 -19.29 -4.63
CA LYS B 28 -45.51 -20.69 -4.21
C LYS B 28 -46.12 -21.62 -5.25
N ALA B 29 -47.07 -21.13 -6.05
CA ALA B 29 -47.77 -22.00 -6.98
C ALA B 29 -46.93 -22.45 -8.16
N CYS B 30 -45.75 -21.88 -8.37
CA CYS B 30 -44.91 -22.24 -9.52
C CYS B 30 -43.52 -22.69 -9.08
N ALA B 31 -43.45 -23.50 -8.02
CA ALA B 31 -42.20 -23.98 -7.45
C ALA B 31 -42.22 -25.49 -7.34
N ASP B 32 -42.56 -26.17 -8.45
CA ASP B 32 -42.73 -27.61 -8.42
C ASP B 32 -41.43 -28.34 -8.12
N ALA B 33 -40.32 -27.90 -8.70
CA ALA B 33 -39.06 -28.61 -8.56
C ALA B 33 -37.97 -27.65 -8.10
N THR B 34 -36.95 -28.22 -7.47
CA THR B 34 -35.84 -27.47 -6.92
C THR B 34 -34.69 -27.42 -7.92
N LEU B 35 -33.81 -26.43 -7.76
CA LEU B 35 -32.61 -26.36 -8.58
C LEU B 35 -31.70 -27.57 -8.33
N SER B 36 -31.65 -28.06 -7.09
CA SER B 36 -30.78 -29.20 -6.77
C SER B 36 -31.26 -30.47 -7.45
N GLN B 37 -32.58 -30.72 -7.45
CA GLN B 37 -33.09 -31.91 -8.11
C GLN B 37 -32.81 -31.86 -9.60
N ILE B 38 -32.89 -30.68 -10.21
CA ILE B 38 -32.58 -30.54 -11.63
C ILE B 38 -31.09 -30.78 -11.88
N THR B 39 -30.22 -30.21 -11.05
CA THR B 39 -28.78 -30.32 -11.24
C THR B 39 -28.17 -31.45 -10.41
N ASN B 40 -28.92 -32.50 -10.14
CA ASN B 40 -28.39 -33.61 -9.37
C ASN B 40 -27.49 -34.54 -10.19
N ASN B 41 -27.63 -34.56 -11.51
CA ASN B 41 -26.87 -35.47 -12.36
C ASN B 41 -25.61 -34.84 -12.93
N ILE B 42 -25.32 -33.58 -12.63
CA ILE B 42 -24.13 -32.93 -13.15
C ILE B 42 -22.90 -33.43 -12.41
N ASP B 43 -21.79 -33.59 -13.13
CA ASP B 43 -20.53 -33.94 -12.50
C ASP B 43 -19.98 -32.74 -11.71
N PRO B 44 -19.30 -32.99 -10.60
CA PRO B 44 -18.73 -31.89 -9.83
C PRO B 44 -17.53 -31.29 -10.52
N VAL B 45 -17.21 -30.04 -10.13
CA VAL B 45 -16.08 -29.35 -10.73
C VAL B 45 -14.77 -29.99 -10.32
N GLY B 46 -14.69 -30.47 -9.08
CA GLY B 46 -13.45 -31.03 -8.58
C GLY B 46 -12.78 -30.11 -7.57
N ARG B 47 -11.50 -29.87 -7.74
CA ARG B 47 -10.73 -29.02 -6.83
C ARG B 47 -10.17 -27.84 -7.60
N ILE B 48 -10.33 -26.65 -7.04
CA ILE B 48 -9.85 -25.42 -7.63
C ILE B 48 -8.65 -24.95 -6.82
N GLN B 49 -7.47 -24.97 -7.45
CA GLN B 49 -6.22 -24.59 -6.80
C GLN B 49 -5.66 -23.37 -7.52
N MET B 50 -5.73 -22.21 -6.88
CA MET B 50 -5.26 -20.96 -7.45
C MET B 50 -4.06 -20.46 -6.66
N ARG B 51 -3.00 -20.13 -7.37
CA ARG B 51 -1.79 -19.57 -6.78
C ARG B 51 -1.80 -18.06 -6.93
N THR B 52 -0.89 -17.40 -6.22
CA THR B 52 -0.74 -15.95 -6.32
C THR B 52 0.32 -15.63 -7.36
N ARG B 53 -0.03 -14.77 -8.31
CA ARG B 53 0.88 -14.41 -9.40
C ARG B 53 1.54 -13.06 -9.19
N ARG B 54 0.84 -12.08 -8.64
CA ARG B 54 1.38 -10.76 -8.42
C ARG B 54 0.96 -10.27 -7.04
N THR B 55 1.75 -9.35 -6.48
CA THR B 55 1.40 -8.67 -5.25
C THR B 55 1.71 -7.19 -5.44
N LEU B 56 0.70 -6.34 -5.25
CA LEU B 56 0.82 -4.91 -5.49
C LEU B 56 0.87 -4.20 -4.15
N ARG B 57 1.92 -3.43 -3.93
CA ARG B 57 2.16 -2.77 -2.65
C ARG B 57 2.48 -1.31 -2.87
N GLY B 58 2.12 -0.49 -1.88
CA GLY B 58 2.27 0.95 -2.02
C GLY B 58 1.20 1.74 -1.31
N HIS B 59 0.15 1.08 -0.84
CA HIS B 59 -0.84 1.71 0.02
C HIS B 59 -0.38 1.64 1.47
N LEU B 60 -0.78 2.65 2.26
CA LEU B 60 -0.32 2.77 3.64
C LEU B 60 -1.47 2.75 4.63
N ALA B 61 -2.65 2.30 4.22
CA ALA B 61 -3.80 2.19 5.09
C ALA B 61 -4.76 1.17 4.49
N LYS B 62 -5.94 1.05 5.07
CA LYS B 62 -6.90 0.06 4.62
C LYS B 62 -7.37 0.36 3.20
N ILE B 63 -7.59 -0.68 2.41
CA ILE B 63 -8.07 -0.55 1.05
C ILE B 63 -9.56 -0.86 1.05
N TYR B 64 -10.36 0.05 0.48
CA TYR B 64 -11.81 -0.08 0.59
C TYR B 64 -12.51 -0.47 -0.70
N ALA B 65 -11.93 -0.22 -1.86
CA ALA B 65 -12.59 -0.54 -3.11
C ALA B 65 -11.56 -0.75 -4.20
N MET B 66 -12.01 -1.37 -5.28
CA MET B 66 -11.20 -1.55 -6.48
C MET B 66 -12.12 -1.83 -7.65
N HIS B 67 -11.60 -1.65 -8.86
CA HIS B 67 -12.37 -1.94 -10.06
C HIS B 67 -11.41 -2.25 -11.20
N TRP B 68 -11.79 -3.21 -12.03
CA TRP B 68 -10.98 -3.58 -13.19
C TRP B 68 -11.27 -2.67 -14.37
N GLY B 69 -10.24 -2.43 -15.17
CA GLY B 69 -10.45 -1.79 -16.45
C GLY B 69 -11.04 -2.75 -17.48
N THR B 70 -11.69 -2.18 -18.49
CA THR B 70 -12.36 -3.02 -19.46
C THR B 70 -11.41 -3.72 -20.42
N ASP B 71 -10.13 -3.36 -20.41
CA ASP B 71 -9.14 -4.05 -21.22
C ASP B 71 -8.43 -5.16 -20.47
N SER B 72 -8.83 -5.41 -19.22
CA SER B 72 -8.35 -6.53 -18.42
C SER B 72 -6.85 -6.43 -18.12
N ARG B 73 -6.31 -5.24 -18.13
CA ARG B 73 -4.90 -5.08 -17.76
C ARG B 73 -4.67 -4.03 -16.70
N LEU B 74 -5.41 -2.92 -16.73
CA LEU B 74 -5.25 -1.84 -15.78
C LEU B 74 -6.35 -1.89 -14.74
N LEU B 75 -6.05 -1.40 -13.54
CA LEU B 75 -7.07 -1.33 -12.51
C LEU B 75 -6.82 -0.15 -11.60
N VAL B 76 -7.83 0.21 -10.81
CA VAL B 76 -7.77 1.34 -9.89
C VAL B 76 -8.06 0.84 -8.49
N SER B 77 -7.39 1.43 -7.49
CA SER B 77 -7.64 1.08 -6.10
C SER B 77 -7.72 2.34 -5.26
N ALA B 78 -8.58 2.28 -4.24
CA ALA B 78 -8.83 3.39 -3.31
C ALA B 78 -8.58 2.95 -1.88
N SER B 79 -7.93 3.82 -1.11
CA SER B 79 -7.56 3.52 0.26
C SER B 79 -7.76 4.74 1.13
N GLN B 80 -7.57 4.57 2.43
CA GLN B 80 -7.87 5.60 3.42
C GLN B 80 -6.69 6.51 3.72
N ASP B 81 -5.56 6.32 3.04
CA ASP B 81 -4.47 7.29 3.15
C ASP B 81 -4.67 8.49 2.24
N GLY B 82 -5.70 8.49 1.41
CA GLY B 82 -6.02 9.64 0.60
C GLY B 82 -5.41 9.54 -0.79
N LYS B 83 -5.43 8.35 -1.38
CA LYS B 83 -4.83 8.14 -2.69
C LYS B 83 -5.72 7.25 -3.53
N LEU B 84 -5.79 7.55 -4.83
CA LEU B 84 -6.26 6.63 -5.84
C LEU B 84 -5.06 6.21 -6.66
N ILE B 85 -4.84 4.91 -6.83
CA ILE B 85 -3.68 4.42 -7.56
C ILE B 85 -4.14 3.59 -8.73
N ILE B 86 -3.59 3.87 -9.91
CA ILE B 86 -3.86 3.08 -11.11
C ILE B 86 -2.67 2.16 -11.34
N TRP B 87 -2.95 0.86 -11.44
CA TRP B 87 -1.92 -0.17 -11.54
C TRP B 87 -1.98 -0.85 -12.90
N ASP B 88 -0.81 -1.28 -13.37
CA ASP B 88 -0.63 -2.14 -14.53
C ASP B 88 -0.32 -3.53 -14.00
N SER B 89 -1.31 -4.43 -14.06
CA SER B 89 -1.18 -5.71 -13.38
C SER B 89 -0.14 -6.63 -14.01
N TYR B 90 0.20 -6.44 -15.28
CA TYR B 90 1.16 -7.34 -15.92
C TYR B 90 2.58 -7.10 -15.43
N THR B 91 2.92 -5.84 -15.11
CA THR B 91 4.26 -5.50 -14.70
C THR B 91 4.34 -4.86 -13.32
N THR B 92 3.21 -4.70 -12.64
CA THR B 92 3.13 -4.09 -11.29
C THR B 92 3.69 -2.67 -11.26
N ASN B 93 3.59 -1.95 -12.37
CA ASN B 93 3.97 -0.55 -12.41
C ASN B 93 2.79 0.31 -11.98
N LYS B 94 3.10 1.53 -11.53
CA LYS B 94 2.08 2.52 -11.19
C LYS B 94 2.00 3.53 -12.31
N VAL B 95 0.80 3.71 -12.87
CA VAL B 95 0.61 4.64 -13.97
C VAL B 95 0.24 6.03 -13.45
N HIS B 96 -0.70 6.11 -12.52
CA HIS B 96 -1.11 7.37 -11.94
C HIS B 96 -1.33 7.20 -10.45
N ALA B 97 -1.21 8.32 -9.73
CA ALA B 97 -1.48 8.38 -8.29
C ALA B 97 -2.13 9.73 -8.01
N ILE B 98 -3.39 9.71 -7.62
CA ILE B 98 -4.25 10.88 -7.54
C ILE B 98 -4.51 11.19 -6.06
N PRO B 99 -4.09 12.34 -5.55
CA PRO B 99 -4.47 12.72 -4.19
C PRO B 99 -5.89 13.23 -4.12
N LEU B 100 -6.58 12.88 -3.04
CA LEU B 100 -7.98 13.23 -2.85
C LEU B 100 -8.12 14.37 -1.85
N ARG B 101 -9.19 15.15 -2.01
CA ARG B 101 -9.46 16.24 -1.09
C ARG B 101 -10.04 15.77 0.22
N SER B 102 -10.60 14.56 0.27
CA SER B 102 -11.13 13.97 1.49
C SER B 102 -10.58 12.57 1.63
N SER B 103 -10.11 12.22 2.82
CA SER B 103 -9.47 10.94 3.04
C SER B 103 -10.45 9.82 3.34
N TRP B 104 -11.73 10.13 3.49
CA TRP B 104 -12.73 9.14 3.91
C TRP B 104 -13.48 8.66 2.67
N VAL B 105 -12.92 7.65 2.02
CA VAL B 105 -13.38 7.19 0.71
C VAL B 105 -13.85 5.74 0.83
N MET B 106 -15.02 5.45 0.26
CA MET B 106 -15.63 4.13 0.40
C MET B 106 -15.86 3.41 -0.92
N THR B 107 -15.63 4.05 -2.06
CA THR B 107 -15.94 3.41 -3.33
C THR B 107 -15.09 4.03 -4.43
N CYS B 108 -15.00 3.33 -5.55
CA CYS B 108 -14.31 3.80 -6.74
C CYS B 108 -14.86 3.06 -7.95
N ALA B 109 -14.67 3.66 -9.12
CA ALA B 109 -15.18 3.08 -10.36
C ALA B 109 -14.25 3.45 -11.51
N TYR B 110 -14.37 2.69 -12.59
CA TYR B 110 -13.56 2.87 -13.79
C TYR B 110 -14.49 3.00 -14.98
N ALA B 111 -14.27 3.99 -15.83
CA ALA B 111 -15.14 4.20 -16.97
C ALA B 111 -14.97 3.07 -17.97
N PRO B 112 -16.04 2.66 -18.66
CA PRO B 112 -15.90 1.59 -19.66
C PRO B 112 -15.09 2.00 -20.88
N SER B 113 -14.88 3.29 -21.11
CA SER B 113 -14.04 3.74 -22.21
C SER B 113 -12.60 3.95 -21.78
N GLY B 114 -12.36 4.24 -20.50
CA GLY B 114 -11.03 4.43 -19.99
C GLY B 114 -10.61 5.86 -19.77
N ASN B 115 -11.50 6.82 -20.02
CA ASN B 115 -11.12 8.23 -19.95
C ASN B 115 -11.28 8.84 -18.56
N TYR B 116 -12.22 8.35 -17.76
CA TYR B 116 -12.55 8.99 -16.49
C TYR B 116 -12.50 7.98 -15.36
N VAL B 117 -12.55 8.51 -14.15
CA VAL B 117 -12.54 7.69 -12.92
C VAL B 117 -13.41 8.39 -11.88
N ALA B 118 -14.20 7.62 -11.12
CA ALA B 118 -15.09 8.21 -10.13
C ALA B 118 -14.68 7.79 -8.73
N CYS B 119 -15.12 8.58 -7.75
CA CYS B 119 -14.70 8.38 -6.36
C CYS B 119 -15.76 8.98 -5.44
N GLY B 120 -15.77 8.53 -4.19
CA GLY B 120 -16.75 9.04 -3.24
C GLY B 120 -16.62 8.38 -1.89
N GLY B 121 -17.29 8.97 -0.91
CA GLY B 121 -17.19 8.48 0.46
C GLY B 121 -18.06 9.20 1.48
N LEU B 122 -17.48 9.52 2.63
CA LEU B 122 -18.21 10.14 3.73
C LEU B 122 -18.49 11.62 3.54
N ASP B 123 -18.06 12.22 2.44
CA ASP B 123 -18.32 13.63 2.17
C ASP B 123 -19.59 13.86 1.35
N ASN B 124 -20.34 12.80 1.07
CA ASN B 124 -21.63 12.88 0.36
C ASN B 124 -21.50 13.46 -1.04
N ILE B 125 -20.32 13.30 -1.66
CA ILE B 125 -20.03 13.91 -2.95
C ILE B 125 -19.38 12.87 -3.84
N CYS B 126 -19.76 12.84 -5.11
CA CYS B 126 -19.12 11.97 -6.10
C CYS B 126 -18.21 12.81 -6.99
N SER B 127 -16.95 12.39 -7.11
CA SER B 127 -15.95 13.17 -7.83
C SER B 127 -15.54 12.42 -9.09
N ILE B 128 -15.51 13.15 -10.21
CA ILE B 128 -15.18 12.60 -11.52
C ILE B 128 -13.87 13.23 -11.98
N TYR B 129 -12.89 12.38 -12.32
CA TYR B 129 -11.53 12.75 -12.66
C TYR B 129 -11.24 12.39 -14.12
N ASN B 130 -10.57 13.31 -14.81
CA ASN B 130 -10.22 13.19 -16.21
C ASN B 130 -8.79 12.69 -16.34
N LEU B 131 -8.60 11.58 -17.03
CA LEU B 131 -7.29 10.94 -17.11
C LEU B 131 -6.50 11.31 -18.35
N LYS B 132 -7.11 11.93 -19.35
CA LYS B 132 -6.44 12.21 -20.63
C LYS B 132 -6.59 13.68 -20.97
N THR B 133 -5.56 14.46 -20.73
CA THR B 133 -5.60 15.90 -20.95
C THR B 133 -4.28 16.36 -21.55
N ARG B 134 -4.32 17.56 -22.14
CA ARG B 134 -3.14 18.08 -22.83
C ARG B 134 -2.04 18.46 -21.86
N GLU B 135 -2.38 18.85 -20.64
CA GLU B 135 -1.38 19.30 -19.68
C GLU B 135 -0.56 18.17 -19.09
N GLY B 136 -1.05 16.93 -19.14
CA GLY B 136 -0.28 15.80 -18.68
C GLY B 136 -0.45 15.43 -17.22
N ASN B 137 -1.45 15.96 -16.54
CA ASN B 137 -1.71 15.59 -15.16
C ASN B 137 -3.20 15.35 -14.97
N VAL B 138 -3.53 14.51 -13.99
CA VAL B 138 -4.92 14.19 -13.70
C VAL B 138 -5.52 15.31 -12.88
N ARG B 139 -6.71 15.78 -13.27
CA ARG B 139 -7.37 16.88 -12.59
C ARG B 139 -8.85 16.56 -12.41
N VAL B 140 -9.46 17.22 -11.42
CA VAL B 140 -10.86 16.97 -11.14
C VAL B 140 -11.73 17.57 -12.23
N SER B 141 -12.60 16.75 -12.80
CA SER B 141 -13.51 17.23 -13.84
C SER B 141 -14.82 17.73 -13.27
N ARG B 142 -15.40 17.01 -12.31
CA ARG B 142 -16.65 17.50 -11.72
C ARG B 142 -16.84 16.94 -10.32
N GLU B 143 -17.64 17.65 -9.53
CA GLU B 143 -18.10 17.18 -8.22
C GLU B 143 -19.63 17.23 -8.20
N LEU B 144 -20.24 16.09 -7.93
CA LEU B 144 -21.69 15.93 -7.93
C LEU B 144 -22.18 15.86 -6.49
N ALA B 145 -23.06 16.78 -6.13
CA ALA B 145 -23.59 16.90 -4.78
C ALA B 145 -25.10 16.89 -4.80
N GLY B 146 -25.69 16.42 -3.71
CA GLY B 146 -27.13 16.31 -3.62
C GLY B 146 -27.63 15.14 -2.78
N HIS B 147 -26.75 14.19 -2.46
CA HIS B 147 -27.08 13.17 -1.50
C HIS B 147 -26.95 13.72 -0.08
N THR B 148 -27.76 13.18 0.82
CA THR B 148 -27.75 13.60 2.22
C THR B 148 -27.23 12.50 3.15
N GLY B 149 -26.49 11.54 2.59
CA GLY B 149 -25.84 10.51 3.38
C GLY B 149 -24.64 10.01 2.60
N TYR B 150 -23.80 9.24 3.27
CA TYR B 150 -22.55 8.80 2.66
C TYR B 150 -22.82 8.01 1.39
N LEU B 151 -21.86 8.02 0.47
CA LEU B 151 -22.02 7.39 -0.82
C LEU B 151 -21.49 5.95 -0.73
N SER B 152 -22.30 4.99 -1.17
CA SER B 152 -21.93 3.59 -1.02
C SER B 152 -21.28 3.01 -2.26
N CYS B 153 -21.87 3.21 -3.44
CA CYS B 153 -21.37 2.61 -4.65
C CYS B 153 -21.69 3.52 -5.82
N CYS B 154 -20.97 3.33 -6.93
CA CYS B 154 -21.18 4.11 -8.13
C CYS B 154 -20.69 3.32 -9.32
N ARG B 155 -21.40 3.43 -10.45
CA ARG B 155 -21.07 2.67 -11.65
C ARG B 155 -21.36 3.51 -12.87
N PHE B 156 -20.39 3.59 -13.79
CA PHE B 156 -20.59 4.31 -15.04
C PHE B 156 -21.52 3.56 -15.98
N LEU B 157 -22.43 4.29 -16.62
CA LEU B 157 -23.20 3.75 -17.74
C LEU B 157 -22.63 4.16 -19.08
N ASP B 158 -21.85 5.24 -19.11
CA ASP B 158 -21.43 5.93 -20.31
C ASP B 158 -20.36 6.92 -19.90
N ASP B 159 -19.91 7.75 -20.83
CA ASP B 159 -19.03 8.86 -20.47
C ASP B 159 -19.81 10.05 -19.93
N ASN B 160 -21.14 10.01 -19.95
CA ASN B 160 -21.96 11.13 -19.52
C ASN B 160 -23.03 10.77 -18.50
N GLN B 161 -23.18 9.50 -18.14
CA GLN B 161 -24.20 9.09 -17.18
C GLN B 161 -23.59 8.18 -16.14
N ILE B 162 -24.01 8.35 -14.89
CA ILE B 162 -23.50 7.57 -13.77
C ILE B 162 -24.64 7.33 -12.79
N VAL B 163 -24.60 6.17 -12.14
CA VAL B 163 -25.62 5.76 -11.17
C VAL B 163 -24.95 5.66 -9.81
N THR B 164 -25.56 6.29 -8.80
CA THR B 164 -25.00 6.28 -7.46
C THR B 164 -26.07 5.80 -6.47
N SER B 165 -25.60 5.23 -5.36
CA SER B 165 -26.47 4.85 -4.25
C SER B 165 -25.90 5.43 -2.96
N SER B 166 -26.78 5.71 -2.00
CA SER B 166 -26.30 6.37 -0.80
C SER B 166 -27.03 5.84 0.43
N GLY B 167 -26.50 6.18 1.59
CA GLY B 167 -27.02 5.79 2.88
C GLY B 167 -28.18 6.63 3.36
N ASP B 168 -28.74 7.47 2.51
CA ASP B 168 -30.01 8.14 2.79
C ASP B 168 -31.18 7.39 2.16
N THR B 169 -31.01 6.09 1.92
CA THR B 169 -32.05 5.19 1.42
C THR B 169 -32.52 5.56 0.01
N THR B 170 -31.65 6.14 -0.81
CA THR B 170 -32.01 6.48 -2.18
C THR B 170 -30.86 6.17 -3.14
N CYS B 171 -31.24 6.01 -4.40
CA CYS B 171 -30.32 5.92 -5.52
C CYS B 171 -30.63 7.06 -6.50
N ALA B 172 -29.68 7.35 -7.37
CA ALA B 172 -29.87 8.45 -8.30
C ALA B 172 -29.12 8.20 -9.59
N LEU B 173 -29.54 8.89 -10.65
CA LEU B 173 -28.91 8.87 -11.96
C LEU B 173 -28.54 10.29 -12.35
N TRP B 174 -27.27 10.49 -12.68
CA TRP B 174 -26.71 11.83 -12.86
C TRP B 174 -26.44 12.10 -14.32
N ASP B 175 -26.30 13.39 -14.63
CA ASP B 175 -25.88 13.86 -15.95
C ASP B 175 -24.59 14.64 -15.75
N ILE B 176 -23.46 14.04 -16.12
CA ILE B 176 -22.16 14.61 -15.79
C ILE B 176 -21.93 15.91 -16.54
N GLU B 177 -22.52 16.07 -17.72
CA GLU B 177 -22.38 17.33 -18.45
C GLU B 177 -23.02 18.48 -17.69
N THR B 178 -24.21 18.27 -17.15
CA THR B 178 -24.96 19.31 -16.45
C THR B 178 -24.73 19.27 -14.94
N GLY B 179 -24.58 18.09 -14.37
CA GLY B 179 -24.41 17.97 -12.93
C GLY B 179 -25.70 17.94 -12.15
N GLN B 180 -26.81 17.61 -12.80
CA GLN B 180 -28.12 17.57 -12.17
C GLN B 180 -28.67 16.16 -12.24
N GLN B 181 -29.36 15.75 -11.17
CA GLN B 181 -30.04 14.46 -11.18
C GLN B 181 -31.16 14.48 -12.20
N THR B 182 -31.26 13.41 -12.98
CA THR B 182 -32.38 13.26 -13.91
C THR B 182 -33.45 12.32 -13.38
N THR B 183 -33.08 11.34 -12.56
CA THR B 183 -34.05 10.43 -11.96
C THR B 183 -33.54 10.02 -10.59
N THR B 184 -34.45 9.92 -9.63
CA THR B 184 -34.16 9.43 -8.30
C THR B 184 -35.00 8.21 -8.01
N PHE B 185 -34.40 7.21 -7.38
CA PHE B 185 -35.05 5.94 -7.09
C PHE B 185 -35.21 5.83 -5.58
N THR B 186 -36.46 5.74 -5.14
CA THR B 186 -36.82 5.70 -3.72
C THR B 186 -37.68 4.48 -3.45
N GLY B 187 -37.70 4.07 -2.18
CA GLY B 187 -38.52 2.94 -1.77
C GLY B 187 -37.90 2.07 -0.69
N HIS B 188 -36.57 2.04 -0.62
CA HIS B 188 -35.91 1.34 0.46
C HIS B 188 -36.18 2.03 1.80
N THR B 189 -36.15 1.26 2.88
CA THR B 189 -36.30 1.80 4.22
C THR B 189 -35.02 1.63 5.04
N GLY B 190 -33.90 1.37 4.38
CA GLY B 190 -32.63 1.23 5.06
C GLY B 190 -31.52 1.71 4.15
N ASP B 191 -30.33 1.83 4.72
CA ASP B 191 -29.19 2.34 3.96
C ASP B 191 -28.87 1.39 2.82
N VAL B 192 -28.84 1.93 1.60
CA VAL B 192 -28.50 1.13 0.44
C VAL B 192 -27.00 0.91 0.42
N MET B 193 -26.58 -0.34 0.38
CA MET B 193 -25.17 -0.69 0.53
C MET B 193 -24.51 -1.18 -0.74
N SER B 194 -25.26 -1.77 -1.67
CA SER B 194 -24.62 -2.27 -2.88
C SER B 194 -25.55 -2.10 -4.08
N LEU B 195 -24.98 -2.32 -5.26
CA LEU B 195 -25.59 -1.92 -6.51
C LEU B 195 -24.92 -2.68 -7.65
N SER B 196 -25.70 -3.06 -8.67
CA SER B 196 -25.13 -3.82 -9.77
C SER B 196 -25.91 -3.56 -11.06
N LEU B 197 -25.18 -3.26 -12.12
CA LEU B 197 -25.74 -2.96 -13.44
C LEU B 197 -25.91 -4.21 -14.28
N ALA B 198 -26.97 -4.23 -15.09
CA ALA B 198 -27.21 -5.33 -16.00
C ALA B 198 -26.22 -5.29 -17.16
N PRO B 199 -25.94 -6.45 -17.78
CA PRO B 199 -25.02 -6.45 -18.93
C PRO B 199 -25.45 -5.57 -20.09
N ASP B 200 -26.74 -5.50 -20.40
CA ASP B 200 -27.24 -4.66 -21.48
C ASP B 200 -27.59 -3.24 -21.02
N THR B 201 -27.49 -2.98 -19.72
CA THR B 201 -27.63 -1.64 -19.14
C THR B 201 -29.01 -1.05 -19.46
N ARG B 202 -30.04 -1.76 -19.01
CA ARG B 202 -31.40 -1.24 -18.99
C ARG B 202 -32.07 -1.41 -17.64
N LEU B 203 -31.56 -2.26 -16.77
CA LEU B 203 -32.08 -2.48 -15.43
C LEU B 203 -30.90 -2.56 -14.49
N PHE B 204 -31.16 -2.43 -13.18
CA PHE B 204 -30.10 -2.68 -12.23
C PHE B 204 -30.72 -3.14 -10.91
N VAL B 205 -29.89 -3.72 -10.04
CA VAL B 205 -30.37 -4.18 -8.75
C VAL B 205 -29.66 -3.42 -7.64
N SER B 206 -30.35 -3.30 -6.51
CA SER B 206 -29.80 -2.62 -5.35
C SER B 206 -30.09 -3.43 -4.10
N GLY B 207 -29.09 -3.52 -3.22
CA GLY B 207 -29.22 -4.19 -1.95
C GLY B 207 -28.99 -3.27 -0.78
N ALA B 208 -29.87 -3.32 0.22
CA ALA B 208 -29.93 -2.35 1.29
C ALA B 208 -29.92 -3.05 2.64
N CYS B 209 -30.05 -2.25 3.70
CA CYS B 209 -29.99 -2.71 5.08
C CYS B 209 -31.34 -3.07 5.67
N ASP B 210 -32.41 -3.08 4.86
CA ASP B 210 -33.68 -3.62 5.30
C ASP B 210 -33.84 -5.09 4.91
N ALA B 211 -32.74 -5.74 4.54
CA ALA B 211 -32.71 -7.16 4.17
C ALA B 211 -33.63 -7.44 3.00
N SER B 212 -33.58 -6.60 1.99
CA SER B 212 -34.32 -6.83 0.75
C SER B 212 -33.52 -6.27 -0.41
N ALA B 213 -33.80 -6.77 -1.60
CA ALA B 213 -33.16 -6.31 -2.82
C ALA B 213 -34.24 -5.90 -3.80
N LYS B 214 -33.93 -4.91 -4.63
CA LYS B 214 -34.92 -4.37 -5.54
C LYS B 214 -34.37 -4.26 -6.95
N LEU B 215 -35.26 -4.47 -7.92
CA LEU B 215 -34.93 -4.37 -9.34
C LEU B 215 -35.50 -3.07 -9.89
N TRP B 216 -34.63 -2.18 -10.34
CA TRP B 216 -35.02 -0.88 -10.85
C TRP B 216 -34.85 -0.82 -12.36
N ASP B 217 -35.67 0.02 -12.99
CA ASP B 217 -35.67 0.26 -14.42
C ASP B 217 -35.10 1.65 -14.64
N VAL B 218 -34.08 1.74 -15.50
CA VAL B 218 -33.34 2.99 -15.65
C VAL B 218 -34.19 4.06 -16.35
N ARG B 219 -34.93 3.67 -17.39
CA ARG B 219 -35.58 4.67 -18.24
C ARG B 219 -36.67 5.43 -17.50
N GLU B 220 -37.48 4.75 -16.70
CA GLU B 220 -38.45 5.41 -15.83
C GLU B 220 -38.29 4.89 -14.41
N GLY B 221 -38.20 5.81 -13.46
CA GLY B 221 -37.80 5.47 -12.10
C GLY B 221 -38.85 4.72 -11.32
N MET B 222 -39.11 3.48 -11.69
CA MET B 222 -40.08 2.64 -11.01
C MET B 222 -39.46 1.31 -10.62
N CYS B 223 -39.93 0.74 -9.52
CA CYS B 223 -39.47 -0.55 -9.06
C CYS B 223 -40.35 -1.63 -9.65
N ARG B 224 -39.72 -2.72 -10.11
CA ARG B 224 -40.45 -3.79 -10.77
C ARG B 224 -40.63 -5.02 -9.90
N GLN B 225 -39.59 -5.45 -9.19
CA GLN B 225 -39.68 -6.61 -8.31
C GLN B 225 -38.86 -6.38 -7.06
N THR B 226 -39.28 -7.05 -5.98
CA THR B 226 -38.62 -7.00 -4.68
C THR B 226 -38.38 -8.42 -4.19
N PHE B 227 -37.18 -8.69 -3.69
CA PHE B 227 -36.78 -10.02 -3.28
C PHE B 227 -36.35 -10.00 -1.82
N THR B 228 -36.96 -10.86 -1.02
CA THR B 228 -36.65 -11.03 0.39
C THR B 228 -36.19 -12.45 0.65
N GLY B 229 -35.71 -12.68 1.88
CA GLY B 229 -35.24 -14.00 2.25
C GLY B 229 -34.04 -13.98 3.16
N HIS B 230 -33.25 -12.92 3.12
CA HIS B 230 -32.12 -12.79 4.01
C HIS B 230 -32.61 -12.45 5.42
N GLU B 231 -31.67 -12.26 6.34
CA GLU B 231 -31.99 -11.93 7.71
C GLU B 231 -31.41 -10.61 8.20
N SER B 232 -30.33 -10.12 7.60
CA SER B 232 -29.79 -8.83 8.00
C SER B 232 -28.77 -8.27 7.01
N ASP B 233 -29.01 -7.05 6.52
CA ASP B 233 -27.96 -6.16 6.00
C ASP B 233 -27.20 -6.79 4.82
N ILE B 234 -27.90 -6.91 3.70
CA ILE B 234 -27.23 -7.30 2.47
C ILE B 234 -26.09 -6.35 2.17
N ASN B 235 -24.89 -6.89 1.99
CA ASN B 235 -23.70 -6.09 1.75
C ASN B 235 -23.18 -6.15 0.34
N ALA B 236 -23.46 -7.23 -0.41
CA ALA B 236 -22.91 -7.34 -1.76
C ALA B 236 -23.94 -7.96 -2.69
N ILE B 237 -23.83 -7.63 -3.97
CA ILE B 237 -24.79 -8.06 -4.98
C ILE B 237 -24.09 -8.11 -6.33
N CYS B 238 -24.53 -9.02 -7.19
CA CYS B 238 -23.92 -9.17 -8.51
C CYS B 238 -24.88 -9.90 -9.46
N PHE B 239 -24.74 -9.62 -10.75
CA PHE B 239 -25.51 -10.32 -11.79
C PHE B 239 -24.83 -11.57 -12.31
N PHE B 240 -25.65 -12.59 -12.58
CA PHE B 240 -25.23 -13.72 -13.38
C PHE B 240 -24.91 -13.23 -14.79
N PRO B 241 -23.94 -13.83 -15.47
CA PRO B 241 -23.55 -13.33 -16.79
C PRO B 241 -24.67 -13.36 -17.81
N ASN B 242 -25.68 -14.21 -17.63
CA ASN B 242 -26.80 -14.26 -18.55
C ASN B 242 -27.67 -13.03 -18.45
N GLY B 243 -27.76 -12.43 -17.27
CA GLY B 243 -28.64 -11.31 -17.04
C GLY B 243 -30.04 -11.67 -16.62
N ASN B 244 -30.28 -12.91 -16.20
CA ASN B 244 -31.59 -13.35 -15.76
C ASN B 244 -31.59 -13.87 -14.33
N ALA B 245 -30.54 -13.62 -13.57
CA ALA B 245 -30.45 -14.02 -12.17
C ALA B 245 -29.38 -13.18 -11.51
N PHE B 246 -29.37 -13.19 -10.18
CA PHE B 246 -28.35 -12.46 -9.46
C PHE B 246 -28.09 -13.15 -8.14
N ALA B 247 -26.99 -12.76 -7.48
CA ALA B 247 -26.60 -13.34 -6.21
C ALA B 247 -26.29 -12.24 -5.21
N THR B 248 -26.61 -12.50 -3.95
CA THR B 248 -26.42 -11.55 -2.87
C THR B 248 -25.63 -12.18 -1.74
N GLY B 249 -25.06 -11.31 -0.89
CA GLY B 249 -24.27 -11.72 0.25
C GLY B 249 -24.44 -10.77 1.40
N SER B 250 -24.62 -11.29 2.61
CA SER B 250 -25.12 -10.52 3.74
C SER B 250 -24.32 -10.83 4.99
N ASP B 251 -24.81 -10.33 6.13
CA ASP B 251 -24.15 -10.46 7.42
C ASP B 251 -24.50 -11.73 8.17
N ASP B 252 -25.42 -12.55 7.67
CA ASP B 252 -25.77 -13.79 8.34
C ASP B 252 -24.93 -14.97 7.84
N ALA B 253 -23.79 -14.68 7.21
CA ALA B 253 -22.84 -15.70 6.75
C ALA B 253 -23.50 -16.65 5.75
N THR B 254 -24.07 -16.06 4.69
CA THR B 254 -24.83 -16.85 3.72
C THR B 254 -24.95 -16.05 2.43
N CYS B 255 -24.67 -16.71 1.30
CA CYS B 255 -24.99 -16.14 0.00
C CYS B 255 -26.30 -16.72 -0.51
N ARG B 256 -26.92 -16.03 -1.46
CA ARG B 256 -28.21 -16.48 -1.97
C ARG B 256 -28.31 -16.18 -3.46
N LEU B 257 -29.04 -17.04 -4.18
CA LEU B 257 -29.22 -16.90 -5.61
C LEU B 257 -30.71 -16.66 -5.92
N PHE B 258 -31.00 -15.53 -6.55
CA PHE B 258 -32.36 -15.14 -6.90
C PHE B 258 -32.54 -15.14 -8.40
N ASP B 259 -33.73 -15.54 -8.85
CA ASP B 259 -34.05 -15.66 -10.27
C ASP B 259 -35.13 -14.66 -10.65
N LEU B 260 -34.86 -13.88 -11.70
CA LEU B 260 -35.77 -12.80 -12.09
C LEU B 260 -37.08 -13.34 -12.66
N ARG B 261 -37.01 -14.30 -13.58
CA ARG B 261 -38.20 -14.72 -14.29
C ARG B 261 -39.16 -15.51 -13.42
N ALA B 262 -38.66 -16.30 -12.47
CA ALA B 262 -39.53 -17.02 -11.56
C ALA B 262 -39.84 -16.23 -10.29
N ASP B 263 -39.08 -15.17 -10.02
CA ASP B 263 -39.33 -14.26 -8.90
C ASP B 263 -39.29 -15.00 -7.56
N GLN B 264 -38.25 -15.82 -7.38
CA GLN B 264 -38.14 -16.63 -6.18
C GLN B 264 -36.67 -16.81 -5.83
N GLU B 265 -36.42 -17.78 -4.95
CA GLU B 265 -35.09 -18.17 -4.49
C GLU B 265 -34.75 -19.53 -5.06
N LEU B 266 -33.52 -19.69 -5.54
CA LEU B 266 -33.07 -20.96 -6.07
C LEU B 266 -32.14 -21.72 -5.15
N MET B 267 -31.09 -21.08 -4.63
CA MET B 267 -30.13 -21.82 -3.82
C MET B 267 -29.53 -20.91 -2.75
N THR B 268 -29.10 -21.55 -1.66
CA THR B 268 -28.53 -20.92 -0.48
C THR B 268 -27.14 -21.49 -0.24
N TYR B 269 -26.14 -20.62 -0.15
CA TYR B 269 -24.74 -21.02 -0.03
C TYR B 269 -24.28 -20.69 1.38
N SER B 270 -24.43 -21.66 2.27
CA SER B 270 -24.09 -21.54 3.69
C SER B 270 -23.34 -22.79 4.14
N HIS B 271 -22.43 -22.61 5.08
CA HIS B 271 -21.71 -23.71 5.70
C HIS B 271 -21.80 -23.59 7.21
N ASP B 272 -21.63 -24.72 7.89
CA ASP B 272 -21.81 -24.77 9.33
C ASP B 272 -20.61 -24.22 10.10
N ASN B 273 -19.46 -24.08 9.46
CA ASN B 273 -18.26 -23.59 10.11
C ASN B 273 -18.02 -22.11 9.88
N ILE B 274 -18.88 -21.44 9.13
CA ILE B 274 -18.72 -20.02 8.79
C ILE B 274 -19.76 -19.23 9.54
N ILE B 275 -19.31 -18.28 10.36
CA ILE B 275 -20.21 -17.50 11.20
C ILE B 275 -19.90 -16.00 11.10
N CYS B 276 -19.13 -15.61 10.09
CA CYS B 276 -18.79 -14.21 9.89
C CYS B 276 -19.46 -13.67 8.64
N GLY B 277 -19.60 -12.36 8.59
CA GLY B 277 -20.29 -11.72 7.49
C GLY B 277 -19.51 -11.77 6.19
N ILE B 278 -20.20 -11.40 5.11
CA ILE B 278 -19.65 -11.43 3.75
C ILE B 278 -19.52 -10.00 3.27
N THR B 279 -18.37 -9.67 2.69
CA THR B 279 -18.10 -8.31 2.25
C THR B 279 -18.28 -8.09 0.77
N SER B 280 -18.03 -9.11 -0.05
CA SER B 280 -18.07 -8.94 -1.50
C SER B 280 -18.42 -10.27 -2.15
N VAL B 281 -18.91 -10.18 -3.39
CA VAL B 281 -19.37 -11.36 -4.11
C VAL B 281 -19.16 -11.13 -5.60
N SER B 282 -18.84 -12.21 -6.32
CA SER B 282 -18.61 -12.12 -7.75
C SER B 282 -18.72 -13.50 -8.38
N PHE B 283 -18.96 -13.51 -9.68
CA PHE B 283 -19.14 -14.72 -10.48
C PHE B 283 -17.92 -14.97 -11.33
N SER B 284 -17.86 -16.18 -11.91
CA SER B 284 -16.83 -16.52 -12.89
C SER B 284 -17.28 -16.01 -14.26
N LYS B 285 -16.53 -16.35 -15.31
CA LYS B 285 -16.90 -15.86 -16.63
C LYS B 285 -18.09 -16.63 -17.20
N SER B 286 -18.16 -17.93 -16.98
CA SER B 286 -19.26 -18.74 -17.47
C SER B 286 -20.39 -18.90 -16.47
N GLY B 287 -20.26 -18.29 -15.29
CA GLY B 287 -21.30 -18.38 -14.28
C GLY B 287 -21.37 -19.71 -13.55
N ARG B 288 -20.26 -20.43 -13.48
CA ARG B 288 -20.22 -21.73 -12.81
C ARG B 288 -19.70 -21.63 -11.38
N LEU B 289 -18.74 -20.76 -11.12
CA LEU B 289 -18.17 -20.60 -9.79
C LEU B 289 -18.61 -19.27 -9.21
N LEU B 290 -18.88 -19.27 -7.91
CA LEU B 290 -19.22 -18.06 -7.17
C LEU B 290 -18.15 -17.81 -6.14
N LEU B 291 -17.56 -16.62 -6.15
CA LEU B 291 -16.47 -16.28 -5.25
C LEU B 291 -16.95 -15.26 -4.24
N ALA B 292 -16.68 -15.51 -2.97
CA ALA B 292 -17.17 -14.62 -1.91
C ALA B 292 -16.09 -14.38 -0.88
N GLY B 293 -16.01 -13.15 -0.40
CA GLY B 293 -15.01 -12.74 0.57
C GLY B 293 -15.64 -12.54 1.94
N TYR B 294 -14.92 -12.95 2.98
CA TYR B 294 -15.45 -12.99 4.34
C TYR B 294 -14.57 -12.16 5.27
N ASP B 295 -15.07 -11.99 6.51
CA ASP B 295 -14.32 -11.29 7.54
C ASP B 295 -13.26 -12.15 8.21
N ASP B 296 -13.29 -13.46 8.01
CA ASP B 296 -12.31 -14.36 8.63
C ASP B 296 -11.00 -14.43 7.86
N PHE B 297 -10.75 -13.43 7.01
CA PHE B 297 -9.51 -13.18 6.25
C PHE B 297 -9.40 -14.08 5.04
N ASN B 298 -10.43 -14.85 4.70
CA ASN B 298 -10.36 -15.84 3.63
C ASN B 298 -11.28 -15.43 2.47
N CYS B 299 -11.36 -16.32 1.49
CA CYS B 299 -12.22 -16.13 0.33
C CYS B 299 -12.58 -17.51 -0.19
N ASN B 300 -13.87 -17.78 -0.31
CA ASN B 300 -14.33 -19.11 -0.71
C ASN B 300 -14.81 -19.12 -2.15
N VAL B 301 -14.65 -20.28 -2.78
CA VAL B 301 -15.09 -20.53 -4.15
C VAL B 301 -16.11 -21.67 -4.09
N TRP B 302 -17.32 -21.39 -4.55
CA TRP B 302 -18.48 -22.27 -4.47
C TRP B 302 -18.87 -22.74 -5.86
N ASP B 303 -19.25 -24.01 -5.96
CA ASP B 303 -19.88 -24.53 -7.17
C ASP B 303 -21.30 -23.98 -7.23
N ALA B 304 -21.58 -23.08 -8.17
CA ALA B 304 -22.84 -22.33 -8.15
C ALA B 304 -24.05 -23.18 -8.50
N LEU B 305 -23.87 -24.35 -9.10
CA LEU B 305 -25.02 -25.15 -9.49
C LEU B 305 -25.33 -26.29 -8.53
N LYS B 306 -24.35 -26.77 -7.77
CA LYS B 306 -24.58 -27.85 -6.83
C LYS B 306 -24.47 -27.41 -5.38
N ALA B 307 -24.09 -26.15 -5.13
CA ALA B 307 -23.93 -25.60 -3.79
C ALA B 307 -22.94 -26.43 -2.97
N ASP B 308 -21.74 -26.55 -3.50
CA ASP B 308 -20.64 -27.24 -2.85
C ASP B 308 -19.46 -26.30 -2.75
N ARG B 309 -18.65 -26.49 -1.72
CA ARG B 309 -17.46 -25.68 -1.52
C ARG B 309 -16.31 -26.27 -2.31
N ALA B 310 -15.73 -25.48 -3.21
CA ALA B 310 -14.72 -25.99 -4.11
C ALA B 310 -13.32 -25.47 -3.82
N GLY B 311 -13.18 -24.32 -3.18
CA GLY B 311 -11.81 -23.87 -2.92
C GLY B 311 -11.76 -22.71 -1.95
N VAL B 312 -10.54 -22.39 -1.54
CA VAL B 312 -10.27 -21.30 -0.60
C VAL B 312 -9.04 -20.54 -1.05
N LEU B 313 -9.08 -19.22 -0.91
CA LEU B 313 -7.95 -18.35 -1.18
C LEU B 313 -7.52 -17.73 0.15
N ALA B 314 -6.33 -18.09 0.63
CA ALA B 314 -5.96 -17.90 2.03
C ALA B 314 -4.63 -17.14 2.15
N GLY B 315 -4.53 -16.00 1.49
CA GLY B 315 -3.26 -15.28 1.52
C GLY B 315 -3.31 -13.86 2.06
N HIS B 316 -4.30 -13.53 2.88
CA HIS B 316 -4.42 -12.20 3.46
C HIS B 316 -4.40 -12.27 4.98
N ASP B 317 -3.97 -11.18 5.61
CA ASP B 317 -3.83 -11.11 7.05
C ASP B 317 -4.91 -10.32 7.76
N ASN B 318 -5.81 -9.68 7.02
CA ASN B 318 -6.90 -8.92 7.62
C ASN B 318 -8.14 -9.10 6.76
N ARG B 319 -9.20 -8.36 7.10
CA ARG B 319 -10.49 -8.53 6.46
C ARG B 319 -10.41 -8.24 4.97
N VAL B 320 -10.99 -9.12 4.15
CA VAL B 320 -11.02 -8.96 2.71
C VAL B 320 -12.22 -8.09 2.35
N SER B 321 -11.96 -6.93 1.74
CA SER B 321 -13.00 -5.93 1.55
C SER B 321 -13.46 -5.76 0.11
N CYS B 322 -12.64 -6.12 -0.87
CA CYS B 322 -13.04 -5.95 -2.27
C CYS B 322 -12.48 -7.10 -3.10
N LEU B 323 -13.13 -7.35 -4.23
CA LEU B 323 -12.88 -8.56 -5.01
C LEU B 323 -13.48 -8.43 -6.40
N GLY B 324 -12.70 -8.76 -7.44
CA GLY B 324 -13.16 -8.57 -8.80
C GLY B 324 -12.56 -9.57 -9.77
N VAL B 325 -13.27 -9.81 -10.86
CA VAL B 325 -12.86 -10.76 -11.90
C VAL B 325 -12.82 -10.03 -13.23
N THR B 326 -11.80 -10.33 -14.04
CA THR B 326 -11.58 -9.64 -15.31
C THR B 326 -12.66 -10.02 -16.33
N ASP B 327 -12.68 -9.27 -17.43
CA ASP B 327 -13.69 -9.49 -18.47
C ASP B 327 -13.46 -10.79 -19.23
N ASP B 328 -12.21 -11.12 -19.52
CA ASP B 328 -11.90 -12.38 -20.19
C ASP B 328 -11.76 -13.54 -19.23
N GLY B 329 -11.86 -13.29 -17.92
CA GLY B 329 -11.84 -14.36 -16.94
C GLY B 329 -10.50 -15.02 -16.75
N MET B 330 -9.42 -14.26 -16.82
CA MET B 330 -8.09 -14.82 -16.66
C MET B 330 -7.53 -14.69 -15.26
N ALA B 331 -8.10 -13.83 -14.41
CA ALA B 331 -7.52 -13.62 -13.10
C ALA B 331 -8.58 -13.09 -12.14
N VAL B 332 -8.27 -13.15 -10.85
CA VAL B 332 -9.10 -12.62 -9.78
C VAL B 332 -8.24 -11.69 -8.94
N ALA B 333 -8.77 -10.52 -8.61
CA ALA B 333 -8.05 -9.57 -7.77
C ALA B 333 -8.77 -9.44 -6.44
N THR B 334 -8.01 -9.49 -5.34
CA THR B 334 -8.55 -9.32 -4.01
C THR B 334 -7.81 -8.23 -3.27
N GLY B 335 -8.55 -7.37 -2.58
CA GLY B 335 -7.97 -6.36 -1.71
C GLY B 335 -8.35 -6.61 -0.27
N SER B 336 -7.61 -6.03 0.67
CA SER B 336 -7.85 -6.33 2.08
C SER B 336 -7.39 -5.16 2.93
N TRP B 337 -7.78 -5.21 4.21
CA TRP B 337 -7.47 -4.15 5.16
C TRP B 337 -6.00 -4.12 5.55
N ASP B 338 -5.21 -5.11 5.15
CA ASP B 338 -3.78 -5.11 5.42
C ASP B 338 -2.99 -4.37 4.35
N SER B 339 -3.67 -3.63 3.48
CA SER B 339 -3.05 -2.72 2.51
C SER B 339 -2.25 -3.47 1.44
N PHE B 340 -2.83 -4.54 0.91
CA PHE B 340 -2.22 -5.27 -0.20
C PHE B 340 -3.30 -5.71 -1.17
N LEU B 341 -2.91 -5.82 -2.44
CA LEU B 341 -3.76 -6.36 -3.50
C LEU B 341 -3.07 -7.58 -4.08
N LYS B 342 -3.85 -8.63 -4.33
CA LYS B 342 -3.27 -9.86 -4.85
C LYS B 342 -4.04 -10.35 -6.07
N ILE B 343 -3.31 -10.96 -6.99
CA ILE B 343 -3.84 -11.51 -8.23
C ILE B 343 -3.73 -13.03 -8.16
N TRP B 344 -4.85 -13.71 -8.29
CA TRP B 344 -4.93 -15.16 -8.23
C TRP B 344 -5.32 -15.70 -9.59
N ASN B 345 -4.75 -16.84 -9.95
CA ASN B 345 -4.97 -17.41 -11.27
C ASN B 345 -4.67 -18.91 -11.29
N THR C 5 -52.57 12.68 7.48
CA THR C 5 -52.61 12.89 6.04
C THR C 5 -51.37 12.30 5.37
N ALA C 6 -50.21 12.50 5.99
CA ALA C 6 -48.98 11.93 5.47
C ALA C 6 -49.02 10.41 5.53
N SER C 7 -49.52 9.85 6.64
CA SER C 7 -49.59 8.40 6.78
C SER C 7 -50.57 7.80 5.78
N ILE C 8 -51.70 8.49 5.53
CA ILE C 8 -52.67 7.99 4.56
C ILE C 8 -52.07 7.99 3.16
N ALA C 9 -51.35 9.06 2.80
CA ALA C 9 -50.71 9.10 1.49
C ALA C 9 -49.65 8.02 1.36
N GLN C 10 -48.86 7.81 2.41
CA GLN C 10 -47.86 6.74 2.39
C GLN C 10 -48.50 5.37 2.23
N ALA C 11 -49.60 5.13 2.93
CA ALA C 11 -50.28 3.85 2.83
C ALA C 11 -50.87 3.64 1.44
N ARG C 12 -51.46 4.69 0.87
CA ARG C 12 -52.00 4.56 -0.49
C ARG C 12 -50.90 4.32 -1.50
N LYS C 13 -49.74 4.95 -1.32
CA LYS C 13 -48.62 4.73 -2.22
C LYS C 13 -48.10 3.31 -2.11
N LEU C 14 -48.05 2.76 -0.89
CA LEU C 14 -47.58 1.40 -0.71
C LEU C 14 -48.57 0.41 -1.29
N VAL C 15 -49.87 0.68 -1.14
CA VAL C 15 -50.89 -0.19 -1.72
C VAL C 15 -50.80 -0.17 -3.24
N GLU C 16 -50.57 1.00 -3.83
CA GLU C 16 -50.43 1.08 -5.28
C GLU C 16 -49.18 0.33 -5.75
N GLN C 17 -48.10 0.39 -4.97
CA GLN C 17 -46.89 -0.32 -5.37
C GLN C 17 -47.11 -1.83 -5.32
N LEU C 18 -47.69 -2.34 -4.23
CA LEU C 18 -47.95 -3.78 -4.15
C LEU C 18 -48.96 -4.23 -5.19
N LYS C 19 -49.96 -3.40 -5.51
CA LYS C 19 -50.88 -3.74 -6.58
C LYS C 19 -50.18 -3.79 -7.93
N MET C 20 -49.18 -2.95 -8.14
CA MET C 20 -48.44 -2.97 -9.39
C MET C 20 -47.47 -4.14 -9.46
N GLU C 21 -46.98 -4.63 -8.32
CA GLU C 21 -46.00 -5.71 -8.30
C GLU C 21 -46.64 -7.10 -8.26
N ALA C 22 -47.97 -7.20 -8.27
CA ALA C 22 -48.64 -8.48 -8.16
C ALA C 22 -49.32 -8.92 -9.46
N ASN C 23 -48.97 -8.31 -10.58
CA ASN C 23 -49.61 -8.58 -11.86
C ASN C 23 -48.59 -8.86 -12.94
N ILE C 24 -47.51 -9.57 -12.60
CA ILE C 24 -46.50 -9.96 -13.57
C ILE C 24 -46.65 -11.44 -13.87
N ASP C 25 -46.07 -11.87 -14.98
CA ASP C 25 -46.15 -13.24 -15.44
C ASP C 25 -44.95 -14.02 -14.94
N ARG C 26 -45.20 -15.19 -14.36
CA ARG C 26 -44.16 -16.00 -13.76
C ARG C 26 -44.08 -17.36 -14.44
N ILE C 27 -42.85 -17.89 -14.53
CA ILE C 27 -42.61 -19.19 -15.12
C ILE C 27 -42.21 -20.16 -14.02
N LYS C 28 -42.11 -21.43 -14.37
CA LYS C 28 -41.81 -22.47 -13.39
C LYS C 28 -40.33 -22.40 -12.98
N VAL C 29 -40.05 -22.93 -11.80
CA VAL C 29 -38.67 -22.97 -11.32
C VAL C 29 -37.85 -23.95 -12.14
N SER C 30 -38.45 -25.05 -12.59
CA SER C 30 -37.71 -26.06 -13.34
C SER C 30 -37.20 -25.51 -14.66
N LYS C 31 -38.02 -24.71 -15.35
CA LYS C 31 -37.59 -24.15 -16.64
C LYS C 31 -36.45 -23.16 -16.46
N ALA C 32 -36.54 -22.28 -15.47
CA ALA C 32 -35.47 -21.32 -15.24
C ALA C 32 -34.19 -22.03 -14.79
N ALA C 33 -34.34 -23.10 -14.00
CA ALA C 33 -33.16 -23.86 -13.58
C ALA C 33 -32.51 -24.55 -14.77
N ALA C 34 -33.31 -25.09 -15.69
CA ALA C 34 -32.74 -25.71 -16.88
C ALA C 34 -32.08 -24.68 -17.78
N ASP C 35 -32.57 -23.44 -17.78
CA ASP C 35 -31.93 -22.43 -18.61
C ASP C 35 -30.59 -21.96 -18.02
N LEU C 36 -30.52 -21.82 -16.69
CA LEU C 36 -29.24 -21.53 -16.07
C LEU C 36 -28.25 -22.67 -16.30
N MET C 37 -28.72 -23.91 -16.20
CA MET C 37 -27.84 -25.05 -16.40
C MET C 37 -27.34 -25.12 -17.84
N ALA C 38 -28.21 -24.79 -18.80
CA ALA C 38 -27.78 -24.81 -20.20
C ALA C 38 -26.79 -23.70 -20.51
N TYR C 39 -26.98 -22.52 -19.93
CA TYR C 39 -26.00 -21.45 -20.15
C TYR C 39 -24.67 -21.80 -19.53
N CYS C 40 -24.67 -22.46 -18.36
CA CYS C 40 -23.40 -22.86 -17.77
C CYS C 40 -22.73 -23.96 -18.58
N GLU C 41 -23.51 -24.85 -19.19
CA GLU C 41 -22.91 -25.94 -19.95
C GLU C 41 -22.34 -25.47 -21.28
N ALA C 42 -23.01 -24.50 -21.94
CA ALA C 42 -22.57 -24.10 -23.27
C ALA C 42 -21.22 -23.40 -23.24
N HIS C 43 -20.99 -22.50 -22.29
CA HIS C 43 -19.80 -21.66 -22.26
C HIS C 43 -18.69 -22.25 -21.40
N ALA C 44 -18.64 -23.58 -21.23
CA ALA C 44 -17.66 -24.18 -20.34
C ALA C 44 -16.25 -24.07 -20.89
N LYS C 45 -16.09 -24.16 -22.22
CA LYS C 45 -14.76 -24.20 -22.81
C LYS C 45 -14.06 -22.85 -22.78
N GLU C 46 -14.79 -21.76 -22.55
CA GLU C 46 -14.22 -20.41 -22.57
C GLU C 46 -14.02 -19.85 -21.17
N ASP C 47 -13.87 -20.72 -20.17
CA ASP C 47 -13.68 -20.29 -18.79
C ASP C 47 -12.29 -20.70 -18.33
N PRO C 48 -11.32 -19.78 -18.29
CA PRO C 48 -9.97 -20.17 -17.85
C PRO C 48 -9.89 -20.68 -16.41
N LEU C 49 -10.71 -20.15 -15.50
CA LEU C 49 -10.59 -20.54 -14.10
C LEU C 49 -11.14 -21.94 -13.85
N LEU C 50 -12.16 -22.34 -14.60
CA LEU C 50 -12.69 -23.70 -14.47
C LEU C 50 -11.71 -24.72 -15.01
N THR C 51 -11.20 -24.47 -16.23
CA THR C 51 -10.25 -25.37 -16.89
C THR C 51 -8.95 -24.59 -17.12
N PRO C 52 -7.92 -24.81 -16.31
CA PRO C 52 -6.69 -24.00 -16.43
C PRO C 52 -6.04 -24.14 -17.79
N VAL C 53 -5.56 -23.02 -18.31
CA VAL C 53 -4.95 -22.94 -19.64
C VAL C 53 -3.47 -23.25 -19.51
N PRO C 54 -2.82 -23.73 -20.57
CA PRO C 54 -1.37 -23.97 -20.51
C PRO C 54 -0.61 -22.68 -20.27
N ALA C 55 0.58 -22.82 -19.67
CA ALA C 55 1.39 -21.66 -19.31
C ALA C 55 1.89 -20.90 -20.52
N SER C 56 1.78 -21.46 -21.73
CA SER C 56 2.20 -20.74 -22.93
C SER C 56 1.30 -19.56 -23.25
N GLU C 57 0.05 -19.57 -22.79
CA GLU C 57 -0.89 -18.50 -23.07
C GLU C 57 -1.49 -17.94 -21.78
N ASN C 58 -0.70 -17.90 -20.71
CA ASN C 58 -1.10 -17.30 -19.45
C ASN C 58 -0.35 -15.99 -19.31
N PRO C 59 -1.03 -14.84 -19.30
CA PRO C 59 -0.31 -13.56 -19.28
C PRO C 59 0.38 -13.25 -17.95
N PHE C 60 0.16 -14.04 -16.91
CA PHE C 60 0.64 -13.74 -15.57
C PHE C 60 1.75 -14.68 -15.11
N ARG C 61 2.67 -15.03 -16.01
CA ARG C 61 3.84 -15.82 -15.62
C ARG C 61 4.77 -15.02 -14.74
N ASP D 1 -2.05 28.16 -23.43
CA ASP D 1 -1.94 26.93 -24.20
C ASP D 1 -0.51 26.41 -24.13
N VAL D 2 -0.25 25.23 -24.69
CA VAL D 2 1.06 24.64 -24.62
C VAL D 2 2.02 25.40 -25.53
N GLN D 3 3.16 25.80 -24.97
CA GLN D 3 4.16 26.55 -25.73
C GLN D 3 5.56 26.17 -25.28
N LEU D 4 6.47 26.07 -26.25
CA LEU D 4 7.90 25.86 -26.02
C LEU D 4 8.63 26.86 -26.91
N VAL D 5 9.31 27.82 -26.31
CA VAL D 5 9.98 28.89 -27.06
C VAL D 5 11.48 28.80 -26.81
N GLU D 6 12.25 28.80 -27.89
CA GLU D 6 13.70 28.65 -27.79
C GLU D 6 14.40 29.95 -28.14
N SER D 7 15.59 30.13 -27.58
CA SER D 7 16.39 31.31 -27.86
C SER D 7 17.86 30.99 -27.62
N GLY D 8 18.71 31.85 -28.19
CA GLY D 8 20.14 31.76 -27.98
C GLY D 8 20.95 31.36 -29.20
N GLY D 9 20.47 31.70 -30.40
CA GLY D 9 21.14 31.31 -31.63
C GLY D 9 21.63 32.51 -32.41
N GLY D 10 22.73 32.32 -33.13
CA GLY D 10 23.31 33.39 -33.91
C GLY D 10 24.65 32.97 -34.48
N LEU D 11 25.34 33.93 -35.09
CA LEU D 11 26.61 33.64 -35.73
C LEU D 11 27.69 33.41 -34.68
N VAL D 12 28.47 32.35 -34.85
CA VAL D 12 29.51 31.96 -33.90
C VAL D 12 30.81 31.75 -34.66
N GLN D 13 31.90 32.26 -34.10
CA GLN D 13 33.22 31.92 -34.61
C GLN D 13 33.54 30.47 -34.29
N PRO D 14 34.12 29.72 -35.22
CA PRO D 14 34.40 28.30 -34.96
C PRO D 14 35.38 28.13 -33.82
N GLY D 15 35.18 27.08 -33.03
CA GLY D 15 35.97 26.85 -31.84
C GLY D 15 35.46 27.53 -30.59
N GLY D 16 34.38 28.29 -30.67
CA GLY D 16 33.83 29.02 -29.55
C GLY D 16 32.87 28.20 -28.73
N SER D 17 31.94 28.89 -28.07
CA SER D 17 30.95 28.23 -27.22
C SER D 17 29.69 29.08 -27.19
N ARG D 18 28.58 28.42 -26.84
CA ARG D 18 27.29 29.10 -26.75
C ARG D 18 26.35 28.25 -25.90
N LYS D 19 25.20 28.83 -25.58
CA LYS D 19 24.20 28.15 -24.77
C LYS D 19 22.82 28.46 -25.32
N LEU D 20 21.99 27.44 -25.45
CA LEU D 20 20.63 27.57 -25.94
C LEU D 20 19.64 27.29 -24.82
N SER D 21 18.52 28.00 -24.82
CA SER D 21 17.51 27.85 -23.78
C SER D 21 16.14 27.63 -24.39
N CYS D 22 15.31 26.89 -23.67
CA CYS D 22 13.99 26.46 -24.12
C CYS D 22 13.03 26.61 -22.96
N SER D 23 12.18 27.63 -23.02
CA SER D 23 11.26 27.96 -21.93
C SER D 23 9.87 27.45 -22.28
N ALA D 24 9.29 26.66 -21.37
CA ALA D 24 7.99 26.05 -21.57
C ALA D 24 6.93 26.78 -20.76
N SER D 25 5.69 26.69 -21.24
CA SER D 25 4.56 27.30 -20.52
C SER D 25 3.27 26.66 -21.00
N GLY D 26 2.49 26.12 -20.08
CA GLY D 26 1.19 25.59 -20.43
C GLY D 26 0.95 24.16 -20.00
N PHE D 27 1.93 23.54 -19.38
CA PHE D 27 1.81 22.14 -18.98
C PHE D 27 2.74 21.87 -17.81
N ALA D 28 2.57 20.69 -17.20
CA ALA D 28 3.39 20.26 -16.08
C ALA D 28 4.78 19.88 -16.53
N PHE D 29 5.72 20.83 -16.45
CA PHE D 29 7.04 20.64 -17.05
C PHE D 29 7.80 19.50 -16.38
N SER D 30 7.68 19.37 -15.06
CA SER D 30 8.54 18.45 -14.33
C SER D 30 8.19 16.99 -14.54
N SER D 31 7.08 16.69 -15.23
CA SER D 31 6.66 15.31 -15.46
C SER D 31 7.01 14.81 -16.86
N PHE D 32 7.76 15.56 -17.64
CA PHE D 32 8.09 15.19 -19.00
C PHE D 32 9.59 15.02 -19.17
N GLY D 33 9.98 14.17 -20.11
CA GLY D 33 11.35 14.06 -20.55
C GLY D 33 11.56 14.92 -21.78
N MET D 34 12.77 15.44 -21.94
CA MET D 34 13.05 16.44 -22.96
C MET D 34 14.11 15.96 -23.93
N HIS D 35 13.95 16.35 -25.20
CA HIS D 35 14.88 16.02 -26.26
C HIS D 35 15.30 17.29 -26.98
N TRP D 36 16.53 17.29 -27.46
CA TRP D 36 17.03 18.28 -28.41
C TRP D 36 17.29 17.58 -29.72
N VAL D 37 16.68 18.09 -30.80
CA VAL D 37 16.79 17.51 -32.13
C VAL D 37 17.17 18.62 -33.11
N ARG D 38 18.14 18.35 -33.99
CA ARG D 38 18.58 19.38 -34.91
C ARG D 38 18.34 18.97 -36.35
N GLN D 39 18.27 19.98 -37.22
CA GLN D 39 18.05 19.79 -38.65
C GLN D 39 19.04 20.62 -39.44
N ALA D 40 19.78 19.96 -40.33
CA ALA D 40 20.75 20.61 -41.19
C ALA D 40 20.04 21.56 -42.16
N PRO D 41 20.76 22.52 -42.75
CA PRO D 41 20.08 23.55 -43.55
C PRO D 41 19.27 23.01 -44.73
N GLU D 42 19.67 21.87 -45.32
CA GLU D 42 18.94 21.34 -46.46
C GLU D 42 18.81 19.83 -46.40
N LYS D 43 18.71 19.26 -45.19
CA LYS D 43 18.67 17.82 -45.02
C LYS D 43 17.67 17.49 -43.92
N GLY D 44 17.65 16.22 -43.52
CA GLY D 44 16.64 15.72 -42.61
C GLY D 44 16.99 15.95 -41.16
N LEU D 45 16.22 15.32 -40.29
CA LEU D 45 16.38 15.52 -38.86
C LEU D 45 17.35 14.50 -38.28
N GLU D 46 18.04 14.89 -37.22
CA GLU D 46 18.90 13.97 -36.49
C GLU D 46 18.85 14.27 -35.00
N TRP D 47 18.61 13.23 -34.21
CA TRP D 47 18.49 13.36 -32.76
C TRP D 47 19.83 13.76 -32.16
N VAL D 48 19.79 14.61 -31.12
CA VAL D 48 21.00 15.13 -30.52
C VAL D 48 21.14 14.69 -29.07
N ALA D 49 20.19 15.07 -28.22
CA ALA D 49 20.39 14.76 -26.80
C ALA D 49 19.06 14.52 -26.10
N TYR D 50 19.13 13.85 -24.95
CA TYR D 50 17.92 13.51 -24.21
C TYR D 50 18.18 13.55 -22.71
N ILE D 51 17.31 14.22 -21.98
CA ILE D 51 17.35 14.26 -20.52
C ILE D 51 16.02 13.76 -19.96
N SER D 52 16.09 12.95 -18.92
CA SER D 52 14.93 12.24 -18.40
C SER D 52 14.10 13.16 -17.52
N SER D 53 13.09 12.60 -16.88
CA SER D 53 12.30 13.30 -15.87
C SER D 53 12.88 12.99 -14.49
N GLY D 54 13.16 14.04 -13.73
CA GLY D 54 13.93 13.89 -12.52
C GLY D 54 15.42 13.91 -12.74
N SER D 55 15.89 14.08 -13.98
CA SER D 55 17.30 14.24 -14.32
C SER D 55 18.12 13.03 -13.87
N GLY D 56 17.54 11.85 -13.99
CA GLY D 56 18.22 10.65 -13.57
C GLY D 56 18.84 9.87 -14.71
N THR D 57 18.57 10.28 -15.96
CA THR D 57 19.10 9.57 -17.11
C THR D 57 19.38 10.57 -18.22
N ILE D 58 20.57 10.50 -18.79
CA ILE D 58 21.01 11.43 -19.83
C ILE D 58 21.66 10.62 -20.95
N TYR D 59 21.28 10.92 -22.20
CA TYR D 59 21.93 10.31 -23.36
C TYR D 59 22.35 11.38 -24.34
N TYR D 60 23.42 11.08 -25.09
CA TYR D 60 23.97 11.97 -26.10
C TYR D 60 24.17 11.22 -27.40
N ALA D 61 24.14 11.96 -28.50
CA ALA D 61 24.39 11.36 -29.80
C ALA D 61 25.88 11.02 -29.93
N ASP D 62 26.20 10.21 -30.93
CA ASP D 62 27.55 9.70 -31.07
C ASP D 62 28.56 10.77 -31.50
N THR D 63 28.08 11.92 -31.98
CA THR D 63 28.97 12.94 -32.52
C THR D 63 29.12 14.16 -31.61
N VAL D 64 28.45 14.18 -30.45
CA VAL D 64 28.49 15.35 -29.59
C VAL D 64 28.92 14.96 -28.19
N LYS D 65 29.35 13.72 -28.00
CA LYS D 65 29.85 13.31 -26.70
C LYS D 65 31.14 14.06 -26.38
N GLY D 66 31.23 14.57 -25.15
CA GLY D 66 32.39 15.32 -24.74
C GLY D 66 32.38 16.78 -25.13
N ARG D 67 31.39 17.22 -25.89
CA ARG D 67 31.27 18.63 -26.27
C ARG D 67 30.02 19.29 -25.72
N PHE D 68 28.88 18.63 -25.82
CA PHE D 68 27.60 19.22 -25.43
C PHE D 68 27.19 18.76 -24.04
N THR D 69 26.36 19.55 -23.39
CA THR D 69 25.83 19.21 -22.06
C THR D 69 24.40 19.67 -21.97
N ILE D 70 23.52 18.81 -21.47
CA ILE D 70 22.10 19.14 -21.37
C ILE D 70 21.73 19.24 -19.89
N SER D 71 20.77 20.12 -19.59
CA SER D 71 20.33 20.31 -18.22
C SER D 71 18.94 20.89 -18.22
N ARG D 72 18.30 20.86 -17.05
CA ARG D 72 16.99 21.48 -16.88
C ARG D 72 16.93 22.19 -15.54
N ASP D 73 16.07 23.21 -15.48
CA ASP D 73 15.81 23.97 -14.26
C ASP D 73 14.30 23.97 -14.06
N ASP D 74 13.84 23.09 -13.16
CA ASP D 74 12.40 22.87 -12.99
C ASP D 74 11.64 24.08 -12.45
N PRO D 75 12.08 24.77 -11.38
CA PRO D 75 11.26 25.90 -10.87
C PRO D 75 11.03 27.00 -11.88
N LYS D 76 12.00 27.28 -12.75
CA LYS D 76 11.81 28.30 -13.78
C LYS D 76 11.32 27.73 -15.10
N ASN D 77 11.13 26.42 -15.18
CA ASN D 77 10.64 25.73 -16.38
C ASN D 77 11.53 26.03 -17.58
N THR D 78 12.79 25.63 -17.48
CA THR D 78 13.72 25.93 -18.56
C THR D 78 14.57 24.71 -18.86
N LEU D 79 14.90 24.54 -20.14
CA LEU D 79 15.79 23.49 -20.60
C LEU D 79 17.00 24.14 -21.25
N PHE D 80 18.20 23.68 -20.90
CA PHE D 80 19.44 24.30 -21.35
C PHE D 80 20.29 23.31 -22.12
N LEU D 81 21.02 23.84 -23.10
CA LEU D 81 22.05 23.09 -23.83
C LEU D 81 23.30 23.95 -23.89
N GLN D 82 24.40 23.44 -23.34
CA GLN D 82 25.68 24.13 -23.35
C GLN D 82 26.58 23.47 -24.40
N MET D 83 27.06 24.28 -25.35
CA MET D 83 27.76 23.80 -26.52
C MET D 83 29.17 24.38 -26.51
N THR D 84 30.17 23.52 -26.54
CA THR D 84 31.57 23.92 -26.49
C THR D 84 32.34 23.33 -27.67
N SER D 85 33.33 24.07 -28.15
CA SER D 85 34.18 23.68 -29.27
C SER D 85 33.34 23.41 -30.52
N LEU D 86 32.71 24.47 -31.00
CA LEU D 86 31.76 24.34 -32.09
C LEU D 86 32.47 24.11 -33.41
N ARG D 87 32.24 22.92 -33.98
CA ARG D 87 32.76 22.58 -35.30
C ARG D 87 31.81 23.11 -36.37
N SER D 88 32.33 23.28 -37.59
CA SER D 88 31.54 23.85 -38.68
C SER D 88 30.39 22.96 -39.12
N GLU D 89 30.34 21.72 -38.68
CA GLU D 89 29.25 20.81 -39.03
C GLU D 89 28.06 20.96 -38.10
N ASP D 90 28.09 21.88 -37.15
CA ASP D 90 27.01 22.11 -36.21
C ASP D 90 26.05 23.21 -36.67
N THR D 91 26.23 23.74 -37.87
CA THR D 91 25.33 24.75 -38.43
C THR D 91 23.97 24.10 -38.68
N ALA D 92 22.95 24.50 -37.92
CA ALA D 92 21.67 23.81 -38.05
C ALA D 92 20.55 24.65 -37.44
N MET D 93 19.38 24.03 -37.32
CA MET D 93 18.23 24.58 -36.62
C MET D 93 17.81 23.60 -35.54
N TYR D 94 17.69 24.08 -34.31
CA TYR D 94 17.48 23.23 -33.14
C TYR D 94 16.05 23.33 -32.66
N TYR D 95 15.47 22.17 -32.33
CA TYR D 95 14.12 22.03 -31.82
C TYR D 95 14.14 21.35 -30.47
N CYS D 96 13.11 21.67 -29.68
CA CYS D 96 12.95 21.24 -28.30
C CYS D 96 11.68 20.41 -28.23
N VAL D 97 11.82 19.13 -27.87
CA VAL D 97 10.72 18.17 -27.98
C VAL D 97 10.41 17.60 -26.61
N ARG D 98 9.12 17.36 -26.34
CA ARG D 98 8.67 16.78 -25.10
C ARG D 98 8.16 15.37 -25.32
N SER D 99 8.36 14.51 -24.32
CA SER D 99 7.84 13.14 -24.42
C SER D 99 7.63 12.59 -23.02
N ILE D 100 6.60 11.77 -22.87
CA ILE D 100 6.24 11.18 -21.58
C ILE D 100 6.00 9.69 -21.80
N TYR D 101 6.43 8.87 -20.83
CA TYR D 101 6.45 7.42 -21.00
C TYR D 101 5.67 6.76 -19.88
N TYR D 102 4.55 6.15 -20.23
CA TYR D 102 3.84 5.18 -19.38
C TYR D 102 3.02 4.31 -20.31
N TYR D 103 2.21 3.42 -19.73
CA TYR D 103 1.46 2.48 -20.54
C TYR D 103 0.34 3.20 -21.30
N GLY D 104 0.51 3.36 -22.60
CA GLY D 104 -0.50 3.99 -23.43
C GLY D 104 -0.24 5.43 -23.80
N SER D 105 0.93 5.97 -23.47
CA SER D 105 1.22 7.37 -23.74
C SER D 105 1.64 7.56 -25.19
N SER D 106 1.86 8.82 -25.58
CA SER D 106 2.26 9.16 -26.94
C SER D 106 3.46 10.11 -26.89
N PRO D 107 4.67 9.57 -26.97
CA PRO D 107 5.86 10.42 -26.94
C PRO D 107 5.99 11.26 -28.21
N PHE D 108 6.81 12.30 -28.12
CA PHE D 108 7.16 13.18 -29.25
C PHE D 108 5.94 13.90 -29.80
N ASP D 109 4.99 14.27 -28.94
CA ASP D 109 3.72 14.81 -29.43
C ASP D 109 3.73 16.31 -29.69
N PHE D 110 4.52 17.08 -28.94
CA PHE D 110 4.62 18.52 -29.20
C PHE D 110 6.07 18.88 -29.47
N TRP D 111 6.29 19.63 -30.54
CA TRP D 111 7.60 20.08 -30.96
C TRP D 111 7.71 21.59 -30.78
N GLY D 112 8.92 22.06 -30.52
CA GLY D 112 9.16 23.48 -30.34
C GLY D 112 9.05 24.27 -31.63
N GLN D 113 9.61 25.47 -31.64
CA GLN D 113 9.56 26.32 -32.83
C GLN D 113 10.88 26.33 -33.60
N GLY D 114 12.01 26.37 -32.90
CA GLY D 114 13.30 26.25 -33.55
C GLY D 114 14.16 27.50 -33.43
N THR D 115 15.46 27.32 -33.22
CA THR D 115 16.40 28.43 -33.24
C THR D 115 17.59 28.08 -34.13
N THR D 116 18.11 29.10 -34.81
CA THR D 116 19.09 28.89 -35.87
C THR D 116 20.50 29.17 -35.35
N LEU D 117 21.39 28.19 -35.49
CA LEU D 117 22.79 28.35 -35.12
C LEU D 117 23.64 28.26 -36.39
N THR D 118 24.51 29.25 -36.58
CA THR D 118 25.31 29.38 -37.80
C THR D 118 26.78 29.50 -37.41
N VAL D 119 27.45 28.36 -37.27
CA VAL D 119 28.89 28.39 -37.03
C VAL D 119 29.60 28.77 -38.33
N SER D 120 30.45 29.78 -38.26
CA SER D 120 31.06 30.34 -39.45
C SER D 120 32.09 29.37 -40.03
N SER D 121 32.74 29.81 -41.10
CA SER D 121 33.77 29.00 -41.76
C SER D 121 34.98 28.81 -40.87
N SER D 136 26.63 -0.31 -35.58
CA SER D 136 25.70 -0.85 -34.60
C SER D 136 24.35 -0.12 -34.62
N ASP D 137 24.35 1.05 -35.24
CA ASP D 137 23.13 1.85 -35.33
C ASP D 137 22.16 1.24 -36.33
N ILE D 138 20.87 1.38 -36.04
CA ILE D 138 19.83 0.92 -36.94
C ILE D 138 19.69 1.91 -38.09
N VAL D 139 19.53 1.39 -39.30
CA VAL D 139 19.45 2.20 -40.51
C VAL D 139 18.03 2.13 -41.04
N MET D 140 17.43 3.29 -41.30
CA MET D 140 16.09 3.40 -41.84
C MET D 140 16.16 3.98 -43.25
N THR D 141 15.48 3.35 -44.19
CA THR D 141 15.60 3.70 -45.60
C THR D 141 14.26 4.11 -46.18
N GLN D 142 14.27 5.14 -47.02
CA GLN D 142 13.09 5.60 -47.74
C GLN D 142 13.46 5.95 -49.17
N ALA D 143 12.48 5.83 -50.07
CA ALA D 143 12.63 6.28 -51.45
C ALA D 143 12.25 7.75 -51.50
N THR D 144 13.26 8.62 -51.64
CA THR D 144 13.12 10.04 -51.37
C THR D 144 12.62 10.85 -52.56
N SER D 145 12.34 10.21 -53.68
CA SER D 145 11.89 10.94 -54.87
C SER D 145 10.54 11.58 -54.60
N SER D 146 10.43 12.87 -54.91
CA SER D 146 9.21 13.64 -54.65
C SER D 146 8.14 13.21 -55.63
N VAL D 147 7.22 12.36 -55.16
CA VAL D 147 6.14 11.84 -56.00
C VAL D 147 5.08 12.92 -56.22
N PRO D 148 4.50 13.01 -57.41
CA PRO D 148 3.44 13.99 -57.65
C PRO D 148 2.07 13.47 -57.25
N VAL D 149 1.23 14.37 -56.75
CA VAL D 149 -0.11 14.04 -56.31
C VAL D 149 -1.09 15.07 -56.84
N THR D 150 -2.36 14.68 -56.86
CA THR D 150 -3.48 15.55 -57.15
C THR D 150 -4.54 15.38 -56.07
N PRO D 151 -5.27 16.44 -55.72
CA PRO D 151 -6.26 16.32 -54.64
C PRO D 151 -7.38 15.38 -55.01
N GLY D 152 -7.65 14.40 -54.14
CA GLY D 152 -8.73 13.44 -54.31
C GLY D 152 -8.27 11.99 -54.30
N GLU D 153 -7.05 11.73 -54.73
CA GLU D 153 -6.56 10.36 -54.87
C GLU D 153 -5.94 9.89 -53.55
N SER D 154 -5.32 8.71 -53.59
CA SER D 154 -4.75 8.08 -52.40
C SER D 154 -3.31 7.68 -52.70
N VAL D 155 -2.46 7.77 -51.66
CA VAL D 155 -1.04 7.48 -51.83
C VAL D 155 -0.53 6.62 -50.68
N SER D 156 0.60 5.97 -50.91
CA SER D 156 1.27 5.14 -49.92
C SER D 156 2.75 5.50 -49.85
N ILE D 157 3.30 5.35 -48.66
CA ILE D 157 4.69 5.71 -48.37
C ILE D 157 5.33 4.56 -47.60
N SER D 158 6.54 4.18 -48.00
CA SER D 158 7.20 3.00 -47.44
C SER D 158 8.47 3.40 -46.70
N CYS D 159 8.83 2.60 -45.70
CA CYS D 159 10.02 2.84 -44.88
C CYS D 159 10.44 1.51 -44.27
N ARG D 160 11.48 0.89 -44.83
CA ARG D 160 11.96 -0.40 -44.38
C ARG D 160 13.18 -0.24 -43.48
N SER D 161 13.28 -1.11 -42.48
CA SER D 161 14.35 -1.05 -41.50
C SER D 161 15.39 -2.13 -41.77
N SER D 162 16.53 -2.02 -41.07
CA SER D 162 17.58 -3.02 -41.19
C SER D 162 17.44 -4.12 -40.15
N LYS D 163 17.10 -3.76 -38.91
CA LYS D 163 16.87 -4.70 -37.83
C LYS D 163 15.39 -4.65 -37.46
N SER D 164 14.83 -5.82 -37.14
CA SER D 164 13.40 -5.91 -36.84
C SER D 164 13.06 -5.05 -35.63
N LEU D 165 11.98 -4.27 -35.76
CA LEU D 165 11.53 -3.37 -34.72
C LEU D 165 10.50 -3.99 -33.79
N LEU D 166 10.16 -5.26 -33.99
CA LEU D 166 9.16 -5.92 -33.17
C LEU D 166 9.81 -6.46 -31.92
N HIS D 167 9.37 -5.97 -30.76
CA HIS D 167 9.87 -6.47 -29.50
C HIS D 167 9.13 -7.75 -29.11
N SER D 168 9.57 -8.36 -28.02
CA SER D 168 8.96 -9.61 -27.57
C SER D 168 7.65 -9.38 -26.81
N ASN D 169 7.34 -8.15 -26.43
CA ASN D 169 6.12 -7.85 -25.69
C ASN D 169 4.96 -7.46 -26.60
N GLY D 170 5.14 -7.53 -27.92
CA GLY D 170 4.06 -7.32 -28.85
C GLY D 170 4.05 -5.97 -29.54
N ASN D 171 4.79 -5.00 -29.05
CA ASN D 171 4.80 -3.66 -29.61
C ASN D 171 5.80 -3.56 -30.76
N THR D 172 5.48 -2.71 -31.73
CA THR D 172 6.38 -2.38 -32.83
C THR D 172 6.62 -0.88 -32.79
N TYR D 173 7.86 -0.47 -32.62
CA TYR D 173 8.21 0.92 -32.33
C TYR D 173 8.55 1.66 -33.62
N LEU D 174 7.53 2.20 -34.27
CA LEU D 174 7.72 3.05 -35.45
C LEU D 174 6.86 4.29 -35.31
N TYR D 175 7.41 5.45 -35.64
CA TYR D 175 6.72 6.73 -35.52
C TYR D 175 6.78 7.44 -36.86
N TRP D 176 5.71 8.17 -37.19
CA TRP D 176 5.61 8.90 -38.44
C TRP D 176 5.39 10.38 -38.15
N PHE D 177 6.13 11.25 -38.85
CA PHE D 177 6.04 12.69 -38.66
C PHE D 177 5.84 13.39 -40.00
N LEU D 178 5.20 14.56 -39.95
CA LEU D 178 4.93 15.39 -41.12
C LEU D 178 5.44 16.79 -40.87
N GLN D 179 6.20 17.34 -41.83
CA GLN D 179 6.69 18.70 -41.78
C GLN D 179 6.15 19.45 -42.99
N ARG D 180 5.18 20.32 -42.75
CA ARG D 180 4.66 21.21 -43.78
C ARG D 180 5.67 22.30 -44.09
N PRO D 181 5.59 22.93 -45.26
CA PRO D 181 6.59 23.94 -45.63
C PRO D 181 6.67 25.07 -44.62
N GLY D 182 7.89 25.32 -44.15
CA GLY D 182 8.15 26.40 -43.22
C GLY D 182 7.54 26.27 -41.85
N GLN D 183 7.44 25.06 -41.32
CA GLN D 183 6.90 24.83 -40.00
C GLN D 183 7.71 23.75 -39.30
N SER D 184 7.27 23.37 -38.13
CA SER D 184 7.88 22.35 -37.30
C SER D 184 7.14 21.03 -37.45
N PRO D 185 7.82 19.89 -37.25
CA PRO D 185 7.19 18.59 -37.50
C PRO D 185 6.03 18.31 -36.57
N GLN D 186 5.16 17.42 -37.03
CA GLN D 186 3.92 17.07 -36.36
C GLN D 186 3.77 15.56 -36.29
N LEU D 187 3.38 15.05 -35.13
CA LEU D 187 3.19 13.62 -34.96
C LEU D 187 1.92 13.17 -35.64
N LEU D 188 1.99 12.05 -36.38
CA LEU D 188 0.83 11.45 -37.01
C LEU D 188 0.51 10.08 -36.44
N ILE D 189 1.46 9.15 -36.47
CA ILE D 189 1.26 7.76 -36.07
C ILE D 189 2.35 7.40 -35.07
N TYR D 190 1.97 6.76 -33.97
CA TYR D 190 2.95 6.27 -33.00
C TYR D 190 2.75 4.78 -32.77
N ARG D 191 3.88 4.06 -32.75
CA ARG D 191 3.91 2.60 -32.61
C ARG D 191 3.11 1.91 -33.71
N MET D 192 3.24 2.45 -34.93
CA MET D 192 2.93 1.79 -36.20
C MET D 192 1.43 1.67 -36.48
N SER D 193 0.58 1.89 -35.49
CA SER D 193 -0.85 1.78 -35.73
C SER D 193 -1.70 2.87 -35.09
N ASN D 194 -1.23 3.52 -34.04
CA ASN D 194 -2.09 4.37 -33.22
C ASN D 194 -2.13 5.77 -33.79
N LEU D 195 -3.33 6.32 -33.91
CA LEU D 195 -3.54 7.63 -34.51
C LEU D 195 -3.45 8.69 -33.44
N ALA D 196 -2.66 9.74 -33.70
CA ALA D 196 -2.40 10.76 -32.71
C ALA D 196 -3.65 11.60 -32.46
N SER D 197 -3.62 12.37 -31.37
CA SER D 197 -4.74 13.21 -30.98
C SER D 197 -4.80 14.45 -31.87
N GLY D 198 -5.99 14.74 -32.39
CA GLY D 198 -6.17 15.89 -33.26
C GLY D 198 -5.83 15.67 -34.71
N VAL D 199 -5.58 14.42 -35.11
CA VAL D 199 -5.20 14.10 -36.49
C VAL D 199 -6.43 13.53 -37.19
N PRO D 200 -6.77 14.01 -38.39
CA PRO D 200 -7.93 13.47 -39.09
C PRO D 200 -7.74 12.01 -39.45
N ASP D 201 -8.85 11.28 -39.53
CA ASP D 201 -8.83 9.84 -39.67
C ASP D 201 -8.51 9.36 -41.09
N ARG D 202 -8.01 10.25 -41.96
CA ARG D 202 -7.63 9.84 -43.30
C ARG D 202 -6.29 9.13 -43.35
N PHE D 203 -5.52 9.13 -42.27
CA PHE D 203 -4.20 8.55 -42.24
C PHE D 203 -4.24 7.17 -41.60
N SER D 204 -3.61 6.20 -42.24
CA SER D 204 -3.56 4.85 -41.71
C SER D 204 -2.12 4.36 -41.76
N GLY D 205 -1.76 3.52 -40.81
CA GLY D 205 -0.42 2.97 -40.76
C GLY D 205 -0.45 1.48 -40.50
N SER D 206 0.37 0.76 -41.26
CA SER D 206 0.39 -0.70 -41.15
C SER D 206 1.78 -1.20 -41.52
N GLY D 207 1.92 -2.52 -41.62
CA GLY D 207 3.18 -3.11 -42.00
C GLY D 207 3.71 -4.12 -41.01
N SER D 208 4.55 -5.03 -41.49
CA SER D 208 5.18 -6.02 -40.64
C SER D 208 6.58 -5.55 -40.25
N GLY D 209 7.29 -6.40 -39.51
CA GLY D 209 8.65 -6.06 -39.13
C GLY D 209 9.51 -5.82 -40.34
N THR D 210 10.31 -4.76 -40.28
CA THR D 210 11.18 -4.32 -41.36
C THR D 210 10.44 -3.98 -42.65
N ALA D 211 9.12 -3.71 -42.59
CA ALA D 211 8.43 -3.22 -43.79
C ALA D 211 7.16 -2.53 -43.36
N PHE D 212 7.09 -1.21 -43.54
CA PHE D 212 6.00 -0.42 -43.00
C PHE D 212 5.43 0.49 -44.08
N THR D 213 4.16 0.84 -43.91
CA THR D 213 3.44 1.61 -44.92
C THR D 213 2.54 2.63 -44.24
N LEU D 214 2.51 3.84 -44.81
CA LEU D 214 1.57 4.89 -44.45
C LEU D 214 0.65 5.15 -45.64
N THR D 215 -0.65 5.13 -45.39
CA THR D 215 -1.65 5.27 -46.43
C THR D 215 -2.46 6.53 -46.17
N ILE D 216 -2.58 7.36 -47.21
CA ILE D 216 -3.38 8.58 -47.17
C ILE D 216 -4.50 8.42 -48.19
N SER D 217 -5.74 8.52 -47.72
CA SER D 217 -6.93 8.43 -48.57
C SER D 217 -7.63 9.77 -48.62
N ARG D 218 -8.13 10.13 -49.80
CA ARG D 218 -8.76 11.43 -50.05
C ARG D 218 -7.81 12.57 -49.68
N LEU D 219 -6.69 12.61 -50.41
CA LEU D 219 -5.63 13.58 -50.12
C LEU D 219 -6.13 15.00 -50.37
N GLU D 220 -5.94 15.86 -49.37
CA GLU D 220 -6.39 17.24 -49.45
C GLU D 220 -5.25 18.14 -49.92
N ALA D 221 -5.42 19.45 -49.81
CA ALA D 221 -4.44 20.41 -50.30
C ALA D 221 -3.50 20.91 -49.22
N GLU D 222 -3.69 20.50 -47.97
CA GLU D 222 -2.80 20.90 -46.89
C GLU D 222 -1.85 19.78 -46.48
N ASP D 223 -1.78 18.69 -47.24
CA ASP D 223 -0.98 17.53 -46.89
C ASP D 223 0.32 17.44 -47.69
N VAL D 224 0.74 18.52 -48.33
CA VAL D 224 2.00 18.54 -49.03
C VAL D 224 3.11 18.86 -48.04
N GLY D 225 4.27 18.26 -48.21
CA GLY D 225 5.33 18.43 -47.24
C GLY D 225 6.26 17.23 -47.24
N VAL D 226 7.00 17.07 -46.14
CA VAL D 226 7.99 16.01 -46.02
C VAL D 226 7.59 15.06 -44.90
N TYR D 227 7.67 13.76 -45.15
CA TYR D 227 7.29 12.72 -44.20
C TYR D 227 8.53 11.97 -43.74
N TYR D 228 8.64 11.77 -42.43
CA TYR D 228 9.78 11.11 -41.82
C TYR D 228 9.32 9.91 -41.00
N CYS D 229 10.11 8.84 -41.01
CA CYS D 229 9.89 7.67 -40.17
C CYS D 229 11.02 7.55 -39.16
N MET D 230 10.66 7.22 -37.92
CA MET D 230 11.63 7.14 -36.84
C MET D 230 11.41 5.86 -36.05
N GLN D 231 12.49 5.31 -35.50
CA GLN D 231 12.41 4.14 -34.65
C GLN D 231 12.75 4.52 -33.22
N HIS D 232 12.04 3.93 -32.26
CA HIS D 232 12.29 4.16 -30.85
C HIS D 232 12.61 2.86 -30.13
N LEU D 233 13.24 1.92 -30.83
CA LEU D 233 13.56 0.63 -30.22
C LEU D 233 14.72 0.74 -29.23
N GLU D 234 15.77 1.47 -29.61
CA GLU D 234 16.93 1.60 -28.74
C GLU D 234 17.73 2.83 -29.15
N TYR D 235 18.39 3.44 -28.17
CA TYR D 235 19.19 4.62 -28.42
C TYR D 235 20.48 4.25 -29.14
N PRO D 236 21.00 5.12 -30.02
CA PRO D 236 20.49 6.43 -30.40
C PRO D 236 19.32 6.37 -31.37
N LEU D 237 18.40 7.32 -31.26
CA LEU D 237 17.23 7.33 -32.13
C LEU D 237 17.63 7.75 -33.54
N THR D 238 17.02 7.12 -34.53
CA THR D 238 17.43 7.28 -35.91
C THR D 238 16.20 7.60 -36.77
N PHE D 239 16.37 8.54 -37.69
CA PHE D 239 15.30 8.98 -38.58
C PHE D 239 15.53 8.39 -39.97
N GLY D 240 14.59 8.68 -40.86
CA GLY D 240 14.76 8.36 -42.26
C GLY D 240 15.07 9.61 -43.07
N ALA D 241 15.38 9.39 -44.34
CA ALA D 241 15.79 10.51 -45.19
C ALA D 241 14.64 11.46 -45.50
N GLY D 242 13.40 10.99 -45.42
CA GLY D 242 12.25 11.87 -45.62
C GLY D 242 11.80 11.91 -47.06
N THR D 243 10.51 11.67 -47.30
CA THR D 243 9.96 11.69 -48.65
C THR D 243 9.01 12.85 -48.82
N LYS D 244 9.00 13.44 -50.01
CA LYS D 244 8.31 14.71 -50.24
C LYS D 244 7.08 14.49 -51.10
N LEU D 245 5.96 15.07 -50.68
CA LEU D 245 4.73 15.13 -51.47
C LEU D 245 4.51 16.56 -51.92
N GLU D 246 4.31 16.73 -53.23
CA GLU D 246 4.08 18.03 -53.84
C GLU D 246 3.06 17.86 -54.95
N LEU D 247 2.31 18.93 -55.21
CA LEU D 247 1.27 18.90 -56.25
C LEU D 247 1.88 18.91 -57.64
N THR E 27 48.20 -31.96 19.32
CA THR E 27 48.34 -31.49 17.94
C THR E 27 49.78 -31.19 17.58
N LEU E 28 49.97 -30.03 16.95
CA LEU E 28 51.29 -29.64 16.44
C LEU E 28 52.31 -29.56 17.55
N ASN E 29 53.44 -30.24 17.35
CA ASN E 29 54.55 -30.17 18.31
C ASN E 29 55.15 -28.78 18.36
N SER E 30 55.30 -28.13 17.19
CA SER E 30 55.99 -26.85 17.12
C SER E 30 55.26 -25.76 17.90
N THR E 31 53.94 -25.65 17.72
CA THR E 31 53.19 -24.68 18.50
C THR E 31 53.03 -25.11 19.95
N GLU E 32 52.73 -26.40 20.17
CA GLU E 32 52.58 -27.00 21.50
C GLU E 32 51.70 -26.14 22.41
N ILE E 33 50.44 -25.98 21.99
CA ILE E 33 49.46 -25.24 22.77
C ILE E 33 48.08 -25.81 22.50
N TYR E 34 47.21 -25.69 23.50
CA TYR E 34 45.85 -26.24 23.53
C TYR E 34 45.83 -27.77 23.40
N GLN E 35 47.01 -28.40 23.41
CA GLN E 35 47.13 -29.82 23.10
C GLN E 35 46.39 -30.69 24.11
N LEU E 36 46.60 -30.43 25.40
CA LEU E 36 46.05 -31.31 26.44
C LEU E 36 44.52 -31.32 26.39
N PHE E 37 43.90 -30.15 26.24
CA PHE E 37 42.45 -30.11 26.05
C PHE E 37 42.05 -30.74 24.72
N GLU E 38 42.85 -30.49 23.67
CA GLU E 38 42.50 -30.96 22.33
C GLU E 38 42.44 -32.48 22.26
N TYR E 39 43.38 -33.17 22.92
CA TYR E 39 43.35 -34.62 22.95
C TYR E 39 42.13 -35.12 23.70
N THR E 40 41.77 -34.46 24.79
CA THR E 40 40.65 -34.89 25.61
C THR E 40 39.30 -34.39 25.11
N ARG E 41 39.19 -33.98 23.85
CA ARG E 41 37.89 -33.60 23.30
C ARG E 41 37.11 -34.87 22.96
N LEU E 42 35.91 -34.99 23.52
CA LEU E 42 35.07 -36.18 23.31
C LEU E 42 33.62 -35.72 23.22
N GLY E 43 33.01 -35.97 22.08
CA GLY E 43 31.62 -35.56 21.88
C GLY E 43 31.38 -34.08 21.83
N VAL E 44 32.42 -33.27 21.60
CA VAL E 44 32.22 -31.83 21.47
C VAL E 44 31.47 -31.51 20.19
N TRP E 45 31.50 -32.41 19.20
CA TRP E 45 30.69 -32.25 18.01
C TRP E 45 29.20 -32.30 18.33
N LEU E 46 28.83 -33.05 19.37
CA LEU E 46 27.44 -33.02 19.83
C LEU E 46 27.08 -31.64 20.37
N MET E 47 28.00 -31.01 21.09
CA MET E 47 27.77 -29.63 21.54
C MET E 47 27.65 -28.68 20.36
N CYS E 48 28.50 -28.86 19.34
CA CYS E 48 28.40 -28.05 18.15
C CYS E 48 27.05 -28.23 17.47
N ILE E 49 26.56 -29.47 17.41
CA ILE E 49 25.27 -29.74 16.78
C ILE E 49 24.14 -29.10 17.57
N VAL E 50 24.16 -29.26 18.91
CA VAL E 50 23.06 -28.74 19.71
C VAL E 50 23.10 -27.22 19.80
N GLY E 51 24.21 -26.61 19.41
CA GLY E 51 24.30 -25.17 19.45
C GLY E 51 23.92 -24.59 18.10
N THR E 52 24.40 -25.23 17.01
CA THR E 52 24.02 -24.77 15.68
C THR E 52 22.52 -24.97 15.45
N PHE E 53 21.92 -26.01 16.03
CA PHE E 53 20.47 -26.17 15.90
C PHE E 53 19.74 -24.98 16.51
N LEU E 54 20.17 -24.54 17.70
CA LEU E 54 19.58 -23.38 18.33
C LEU E 54 19.76 -22.13 17.47
N ASN E 55 20.98 -21.87 17.02
CA ASN E 55 21.24 -20.66 16.23
C ASN E 55 20.42 -20.65 14.94
N VAL E 56 20.40 -21.76 14.20
CA VAL E 56 19.64 -21.79 12.95
C VAL E 56 18.15 -21.65 13.23
N LEU E 57 17.66 -22.27 14.31
CA LEU E 57 16.26 -22.11 14.68
C LEU E 57 15.91 -20.65 14.91
N VAL E 58 16.70 -19.96 15.73
CA VAL E 58 16.49 -18.52 15.98
C VAL E 58 16.51 -17.73 14.68
N ILE E 59 17.49 -18.00 13.82
CA ILE E 59 17.59 -17.26 12.55
C ILE E 59 16.37 -17.50 11.68
N THR E 60 15.90 -18.75 11.62
CA THR E 60 14.72 -19.07 10.83
C THR E 60 13.49 -18.38 11.38
N THR E 61 13.29 -18.44 12.70
CA THR E 61 12.11 -17.84 13.31
C THR E 61 12.09 -16.34 13.11
N ILE E 62 13.24 -15.68 13.24
CA ILE E 62 13.29 -14.24 13.03
C ILE E 62 13.11 -13.89 11.56
N LEU E 63 13.68 -14.69 10.66
CA LEU E 63 13.77 -14.30 9.25
C LEU E 63 12.61 -14.78 8.40
N TYR E 64 11.75 -15.65 8.90
CA TYR E 64 10.67 -16.23 8.10
C TYR E 64 9.32 -15.60 8.40
N TYR E 65 9.24 -14.70 9.39
CA TYR E 65 7.99 -14.11 9.81
C TYR E 65 7.95 -12.61 9.55
N ARG E 66 8.42 -12.20 8.36
CA ARG E 66 8.49 -10.80 7.96
C ARG E 66 9.29 -9.97 8.95
N ARG E 67 10.35 -10.59 9.48
CA ARG E 67 11.25 -9.97 10.47
C ARG E 67 10.50 -9.62 11.76
N LYS E 68 9.47 -10.40 12.08
CA LYS E 68 8.66 -10.23 13.29
C LYS E 68 8.10 -8.80 13.37
N LYS E 69 7.32 -8.45 12.35
CA LYS E 69 6.70 -7.13 12.13
C LYS E 69 7.70 -6.11 11.61
N LYS E 70 8.84 -6.57 11.08
CA LYS E 70 9.90 -5.72 10.54
C LYS E 70 10.40 -4.70 11.57
N SER E 71 10.52 -5.14 12.81
CA SER E 71 11.23 -4.33 13.80
C SER E 71 12.71 -4.27 13.42
N PRO E 72 13.37 -3.14 13.64
CA PRO E 72 14.80 -3.07 13.30
C PRO E 72 15.73 -3.63 14.36
N SER E 73 15.35 -3.51 15.63
CA SER E 73 16.23 -4.02 16.68
C SER E 73 16.34 -5.53 16.62
N ASP E 74 15.27 -6.19 16.15
CA ASP E 74 15.34 -7.63 16.02
C ASP E 74 16.36 -8.02 14.96
N THR E 75 16.54 -7.18 13.94
CA THR E 75 17.54 -7.51 12.93
C THR E 75 18.90 -7.66 13.59
N TYR E 76 19.21 -6.77 14.54
CA TYR E 76 20.52 -6.83 15.17
C TYR E 76 20.70 -8.15 15.91
N ILE E 77 19.67 -8.58 16.65
CA ILE E 77 19.83 -9.82 17.40
C ILE E 77 20.10 -10.97 16.44
N CYS E 78 19.43 -10.97 15.29
CA CYS E 78 19.64 -12.04 14.32
C CYS E 78 21.09 -12.04 13.84
N ASN E 79 21.64 -10.85 13.61
CA ASN E 79 23.03 -10.75 13.17
C ASN E 79 23.97 -11.31 14.24
N LEU E 80 23.62 -11.10 15.52
CA LEU E 80 24.45 -11.64 16.58
C LEU E 80 24.55 -13.15 16.47
N ALA E 81 23.46 -13.81 16.08
CA ALA E 81 23.51 -15.25 15.90
C ALA E 81 24.47 -15.61 14.78
N VAL E 82 24.46 -14.82 13.69
CA VAL E 82 25.37 -15.05 12.57
C VAL E 82 26.81 -15.01 13.04
N ALA E 83 27.08 -14.32 14.14
CA ALA E 83 28.45 -14.29 14.63
C ALA E 83 28.78 -15.54 15.42
N ASP E 84 27.88 -15.93 16.35
CA ASP E 84 28.20 -17.02 17.27
C ASP E 84 28.47 -18.32 16.53
N LEU E 85 27.68 -18.59 15.48
CA LEU E 85 27.85 -19.82 14.71
C LEU E 85 29.25 -19.91 14.16
N LEU E 86 29.79 -18.76 13.72
CA LEU E 86 31.13 -18.73 13.14
C LEU E 86 32.13 -19.43 14.06
N ILE E 87 32.07 -19.14 15.37
CA ILE E 87 33.05 -19.69 16.29
C ILE E 87 33.05 -21.21 16.20
N VAL E 88 31.88 -21.83 16.31
CA VAL E 88 31.87 -23.29 16.32
C VAL E 88 32.41 -23.81 15.00
N VAL E 89 31.99 -23.19 13.89
CA VAL E 89 32.44 -23.63 12.58
C VAL E 89 33.96 -23.58 12.50
N GLY E 90 34.54 -22.55 13.10
CA GLY E 90 35.98 -22.42 13.07
C GLY E 90 36.70 -23.51 13.85
N LEU E 91 36.21 -23.83 15.07
CA LEU E 91 37.06 -24.59 15.99
C LEU E 91 37.24 -26.05 15.59
N PRO E 92 36.18 -26.89 15.47
CA PRO E 92 36.45 -28.26 14.99
C PRO E 92 37.08 -28.32 13.61
N PHE E 93 36.53 -27.57 12.64
CA PHE E 93 36.83 -27.80 11.23
C PHE E 93 38.33 -27.72 10.96
N PHE E 94 38.94 -26.59 11.33
CA PHE E 94 40.38 -26.44 11.09
C PHE E 94 41.15 -27.51 11.85
N LEU E 95 40.79 -27.73 13.12
CA LEU E 95 41.46 -28.77 13.89
C LEU E 95 41.23 -30.13 13.24
N GLU E 96 40.02 -30.36 12.73
CA GLU E 96 39.74 -31.63 12.07
C GLU E 96 40.60 -31.75 10.82
N TYR E 97 40.84 -30.63 10.14
CA TYR E 97 41.77 -30.64 9.02
C TYR E 97 43.16 -31.05 9.48
N ALA E 98 43.59 -30.51 10.63
CA ALA E 98 44.86 -30.93 11.21
C ALA E 98 44.81 -32.40 11.59
N LYS E 99 43.64 -32.89 11.99
CA LYS E 99 43.50 -34.33 12.23
C LYS E 99 43.78 -35.12 10.97
N HIS E 100 43.27 -34.67 9.82
CA HIS E 100 43.54 -35.38 8.58
C HIS E 100 44.93 -35.08 8.04
N HIS E 101 45.31 -33.80 8.00
CA HIS E 101 46.63 -33.41 7.55
C HIS E 101 47.51 -33.02 8.74
N PRO E 102 48.38 -33.90 9.21
CA PRO E 102 49.19 -33.59 10.41
C PRO E 102 50.54 -32.97 10.10
N LYS E 103 50.76 -32.50 8.87
CA LYS E 103 52.00 -31.85 8.48
C LYS E 103 51.89 -30.33 8.52
N LEU E 104 50.81 -29.80 9.06
CA LEU E 104 50.60 -28.36 9.10
C LEU E 104 51.65 -27.68 9.97
N SER E 105 52.07 -26.49 9.56
CA SER E 105 53.00 -25.69 10.34
C SER E 105 52.26 -24.69 11.20
N ARG E 106 52.87 -24.35 12.34
CA ARG E 106 52.23 -23.47 13.32
C ARG E 106 51.95 -22.10 12.72
N GLU E 107 52.84 -21.63 11.84
CA GLU E 107 52.72 -20.29 11.28
C GLU E 107 51.41 -20.09 10.52
N VAL E 108 50.95 -21.12 9.81
CA VAL E 108 49.77 -20.95 8.98
C VAL E 108 48.48 -21.25 9.75
N VAL E 109 48.39 -22.43 10.37
CA VAL E 109 47.12 -22.89 10.94
C VAL E 109 46.63 -21.92 12.00
N CYS E 110 47.52 -21.49 12.89
CA CYS E 110 47.15 -20.53 13.93
C CYS E 110 46.56 -19.29 13.30
N SER E 111 47.25 -18.75 12.28
CA SER E 111 46.76 -17.59 11.53
C SER E 111 45.32 -17.80 11.13
N GLY E 112 45.02 -18.97 10.54
CA GLY E 112 43.65 -19.23 10.12
C GLY E 112 42.69 -19.26 11.30
N LEU E 113 43.07 -19.97 12.36
CA LEU E 113 42.17 -20.13 13.51
C LEU E 113 41.88 -18.79 14.17
N ASN E 114 42.95 -18.11 14.63
CA ASN E 114 42.83 -16.91 15.47
C ASN E 114 41.80 -15.94 14.95
N ALA E 115 41.92 -15.58 13.67
CA ALA E 115 41.06 -14.58 13.05
C ALA E 115 39.60 -14.82 13.42
N CYS E 116 39.13 -16.06 13.20
CA CYS E 116 37.72 -16.36 13.41
C CYS E 116 37.32 -15.97 14.82
N PHE E 117 38.09 -16.46 15.80
CA PHE E 117 37.78 -16.20 17.20
C PHE E 117 37.68 -14.71 17.43
N TYR E 118 38.73 -13.98 17.05
CA TYR E 118 38.75 -12.56 17.38
C TYR E 118 37.64 -11.83 16.66
N ILE E 119 37.41 -12.17 15.38
CA ILE E 119 36.44 -11.38 14.64
C ILE E 119 35.08 -11.53 15.27
N CYS E 120 34.75 -12.76 15.72
CA CYS E 120 33.40 -12.96 16.26
C CYS E 120 33.22 -12.12 17.50
N LEU E 121 34.26 -12.04 18.33
CA LEU E 121 34.15 -11.26 19.55
C LEU E 121 33.75 -9.84 19.21
N PHE E 122 34.49 -9.22 18.28
CA PHE E 122 34.21 -7.83 17.97
C PHE E 122 32.80 -7.71 17.42
N ALA E 123 32.41 -8.64 16.55
CA ALA E 123 31.10 -8.57 15.93
C ALA E 123 30.02 -8.57 16.99
N GLY E 124 30.12 -9.51 17.94
CA GLY E 124 29.11 -9.59 18.97
C GLY E 124 29.04 -8.30 19.75
N VAL E 125 30.22 -7.79 20.14
CA VAL E 125 30.26 -6.57 20.94
C VAL E 125 29.53 -5.46 20.22
N CYS E 126 29.81 -5.29 18.93
CA CYS E 126 29.24 -4.16 18.21
C CYS E 126 27.73 -4.26 18.22
N PHE E 127 27.21 -5.44 17.90
CA PHE E 127 25.76 -5.56 17.79
C PHE E 127 25.13 -5.37 19.16
N LEU E 128 25.79 -5.87 20.21
CA LEU E 128 25.23 -5.70 21.55
C LEU E 128 25.07 -4.22 21.86
N ILE E 129 26.09 -3.43 21.55
CA ILE E 129 26.01 -2.00 21.80
C ILE E 129 24.87 -1.40 21.01
N ASN E 130 24.77 -1.79 19.74
CA ASN E 130 23.70 -1.27 18.89
C ASN E 130 22.34 -1.60 19.50
N LEU E 131 22.20 -2.82 20.01
CA LEU E 131 20.91 -3.23 20.56
C LEU E 131 20.51 -2.31 21.69
N SER E 132 21.47 -1.95 22.56
CA SER E 132 21.14 -1.11 23.69
C SER E 132 20.60 0.23 23.23
N MET E 133 21.23 0.80 22.20
CA MET E 133 20.76 2.09 21.69
C MET E 133 19.34 1.97 21.19
N ASP E 134 19.03 0.86 20.51
CA ASP E 134 17.70 0.68 19.94
C ASP E 134 16.62 0.67 20.99
N ARG E 135 16.97 0.37 22.25
CA ARG E 135 15.98 0.55 23.30
C ARG E 135 16.03 1.94 23.91
N TYR E 136 17.24 2.45 24.16
CA TYR E 136 17.40 3.67 24.95
C TYR E 136 16.70 4.84 24.28
N CYS E 137 16.97 5.04 22.98
CA CYS E 137 16.38 6.15 22.23
C CYS E 137 14.86 6.10 22.28
N VAL E 138 14.28 4.92 22.45
CA VAL E 138 12.82 4.83 22.53
C VAL E 138 12.33 5.39 23.86
N ILE E 139 12.94 4.98 24.96
CA ILE E 139 12.34 5.23 26.28
C ILE E 139 12.51 6.69 26.68
N VAL E 140 13.74 7.18 26.70
CA VAL E 140 14.01 8.53 27.19
C VAL E 140 14.11 9.56 26.07
N TRP E 141 14.27 9.12 24.81
CA TRP E 141 14.35 9.99 23.63
C TRP E 141 15.64 10.79 23.65
N THR E 155 19.67 -1.31 5.01
CA THR E 155 20.52 -1.78 6.10
C THR E 155 21.88 -1.10 6.06
N CYS E 156 21.86 0.22 5.86
CA CYS E 156 23.12 0.98 5.80
C CYS E 156 23.87 0.91 7.13
N TRP E 157 23.14 1.02 8.24
CA TRP E 157 23.78 0.92 9.55
C TRP E 157 24.37 -0.46 9.76
N VAL E 158 23.65 -1.50 9.35
CA VAL E 158 24.12 -2.88 9.54
C VAL E 158 25.39 -3.10 8.73
N VAL E 159 25.40 -2.65 7.48
CA VAL E 159 26.59 -2.80 6.63
C VAL E 159 27.76 -2.04 7.21
N ILE E 160 27.51 -0.81 7.69
CA ILE E 160 28.58 0.00 8.26
C ILE E 160 29.15 -0.67 9.49
N PHE E 161 28.28 -1.22 10.34
CA PHE E 161 28.73 -1.89 11.55
C PHE E 161 29.55 -3.12 11.21
N TRP E 162 29.10 -3.91 10.24
CA TRP E 162 29.84 -5.12 9.86
C TRP E 162 31.21 -4.75 9.30
N ILE E 163 31.27 -3.69 8.49
CA ILE E 163 32.55 -3.24 7.94
C ILE E 163 33.47 -2.79 9.06
N LEU E 164 32.93 -2.04 10.02
CA LEU E 164 33.74 -1.59 11.15
C LEU E 164 34.27 -2.76 11.95
N ALA E 165 33.42 -3.78 12.17
CA ALA E 165 33.84 -4.96 12.92
C ALA E 165 34.95 -5.68 12.18
N VAL E 166 34.81 -5.86 10.87
CA VAL E 166 35.83 -6.55 10.09
C VAL E 166 37.13 -5.78 10.13
N LEU E 167 37.05 -4.45 10.06
CA LEU E 167 38.24 -3.61 10.07
C LEU E 167 38.96 -3.70 11.41
N MET E 168 38.22 -3.54 12.52
CA MET E 168 38.81 -3.53 13.86
C MET E 168 39.74 -4.70 14.12
N GLY E 169 39.46 -5.87 13.54
CA GLY E 169 40.30 -7.03 13.70
C GLY E 169 41.51 -7.11 12.80
N MET E 170 41.81 -6.04 12.06
CA MET E 170 42.89 -6.07 11.07
C MET E 170 44.26 -6.48 11.63
N PRO E 171 44.75 -5.94 12.75
CA PRO E 171 46.13 -6.28 13.14
C PRO E 171 46.38 -7.74 13.46
N HIS E 172 45.44 -8.43 14.11
CA HIS E 172 45.71 -9.77 14.60
C HIS E 172 45.08 -10.91 13.81
N TYR E 173 44.17 -10.63 12.86
CA TYR E 173 43.46 -11.76 12.24
C TYR E 173 44.42 -12.67 11.49
N LEU E 174 45.36 -12.10 10.74
CA LEU E 174 46.36 -12.90 10.04
C LEU E 174 47.53 -11.99 9.63
N MET E 175 48.52 -11.89 10.50
CA MET E 175 49.77 -11.23 10.16
C MET E 175 50.86 -11.77 11.07
N TYR E 176 52.10 -11.76 10.56
CA TYR E 176 53.29 -12.14 11.32
C TYR E 176 53.31 -13.61 11.73
N SER E 177 52.19 -14.31 11.54
CA SER E 177 51.99 -15.71 11.86
C SER E 177 52.08 -15.99 13.37
N HIS E 178 52.78 -17.06 13.73
CA HIS E 178 52.79 -17.53 15.11
C HIS E 178 53.48 -16.57 16.07
N THR E 179 54.58 -15.93 15.63
CA THR E 179 55.44 -15.19 16.54
C THR E 179 54.71 -14.04 17.25
N ASN E 180 53.84 -13.33 16.54
CA ASN E 180 53.21 -12.13 17.08
C ASN E 180 51.77 -12.33 17.55
N ASN E 181 51.23 -13.53 17.43
CA ASN E 181 49.82 -13.76 17.77
C ASN E 181 49.67 -15.09 18.48
N GLU E 182 49.15 -15.04 19.71
CA GLU E 182 48.96 -16.24 20.51
C GLU E 182 47.88 -17.14 19.91
N CYS E 183 48.11 -18.44 19.96
CA CYS E 183 47.11 -19.41 19.50
C CYS E 183 46.19 -19.73 20.68
N VAL E 184 45.25 -18.81 20.92
CA VAL E 184 44.24 -18.91 21.97
C VAL E 184 44.89 -19.13 23.34
N GLY E 185 45.56 -18.11 23.85
CA GLY E 185 46.10 -18.15 25.20
C GLY E 185 47.49 -17.60 25.45
N GLU E 186 48.54 -18.21 24.87
CA GLU E 186 49.89 -17.76 25.17
C GLU E 186 50.73 -17.69 23.91
N PHE E 187 51.83 -16.96 24.01
CA PHE E 187 52.73 -16.70 22.90
C PHE E 187 54.11 -16.36 23.45
N ALA E 188 55.05 -16.14 22.53
CA ALA E 188 56.43 -15.68 22.79
C ALA E 188 57.04 -16.17 24.10
N ASN E 189 57.14 -17.50 24.26
CA ASN E 189 57.65 -18.06 25.51
C ASN E 189 59.05 -17.52 25.84
N GLU E 190 59.88 -17.34 24.82
CA GLU E 190 61.19 -16.74 25.01
C GLU E 190 61.61 -15.94 23.78
N GLY E 193 57.87 -6.97 20.08
CA GLY E 193 57.66 -6.58 21.46
C GLY E 193 56.56 -5.55 21.63
N TRP E 194 56.67 -4.44 20.89
CA TRP E 194 55.66 -3.40 20.95
C TRP E 194 54.32 -3.88 20.41
N PHE E 195 54.34 -4.63 19.31
CA PHE E 195 53.10 -5.07 18.67
C PHE E 195 52.27 -6.00 19.56
N PRO E 196 52.82 -7.06 20.17
CA PRO E 196 51.98 -7.86 21.09
C PRO E 196 51.52 -7.07 22.29
N VAL E 197 52.41 -6.25 22.85
CA VAL E 197 52.10 -5.50 24.06
C VAL E 197 50.93 -4.57 23.80
N PHE E 198 50.92 -3.93 22.63
CA PHE E 198 49.87 -2.96 22.37
C PHE E 198 48.59 -3.71 22.02
N LEU E 199 48.66 -4.63 21.06
CA LEU E 199 47.51 -5.43 20.65
C LEU E 199 46.71 -5.97 21.84
N ASN E 200 47.40 -6.65 22.76
CA ASN E 200 46.74 -7.30 23.89
C ASN E 200 46.01 -6.30 24.76
N THR E 201 46.66 -5.18 25.08
CA THR E 201 46.03 -4.18 25.93
C THR E 201 44.86 -3.53 25.21
N LYS E 202 45.00 -3.30 23.90
CA LYS E 202 43.97 -2.63 23.14
C LYS E 202 42.69 -3.47 23.10
N VAL E 203 42.81 -4.77 22.81
CA VAL E 203 41.62 -5.62 22.86
C VAL E 203 41.10 -5.72 24.29
N ASN E 204 42.00 -5.87 25.28
CA ASN E 204 41.59 -6.03 26.66
C ASN E 204 40.81 -4.82 27.17
N ILE E 205 41.06 -3.65 26.58
CA ILE E 205 40.44 -2.41 27.02
C ILE E 205 39.19 -2.09 26.21
N CYS E 206 39.29 -2.12 24.88
CA CYS E 206 38.19 -1.74 24.02
C CYS E 206 37.36 -2.94 23.57
N GLY E 207 37.42 -4.04 24.31
CA GLY E 207 36.58 -5.18 24.00
C GLY E 207 35.88 -5.75 25.21
N TYR E 208 36.23 -5.25 26.41
CA TYR E 208 35.55 -5.69 27.62
C TYR E 208 34.90 -4.55 28.40
N LEU E 209 35.65 -3.47 28.67
CA LEU E 209 35.14 -2.42 29.56
C LEU E 209 33.99 -1.65 28.90
N ALA E 210 34.14 -1.33 27.62
CA ALA E 210 33.13 -0.52 26.94
C ALA E 210 31.75 -1.16 26.96
N PRO E 211 31.55 -2.43 26.59
CA PRO E 211 30.19 -3.00 26.70
C PRO E 211 29.66 -3.01 28.13
N ILE E 212 30.46 -3.48 29.08
CA ILE E 212 29.99 -3.62 30.46
C ILE E 212 29.64 -2.27 31.08
N ALA E 213 30.19 -1.18 30.56
CA ALA E 213 29.73 0.11 31.07
C ALA E 213 28.56 0.66 30.26
N LEU E 214 28.68 0.65 28.93
CA LEU E 214 27.66 1.23 28.07
C LEU E 214 26.32 0.52 28.18
N MET E 215 26.29 -0.70 28.71
CA MET E 215 25.01 -1.37 28.90
C MET E 215 24.48 -1.24 30.32
N ALA E 216 25.36 -1.35 31.31
CA ALA E 216 24.92 -1.20 32.69
C ALA E 216 24.35 0.20 32.94
N TYR E 217 25.03 1.23 32.43
CA TYR E 217 24.53 2.59 32.64
C TYR E 217 23.19 2.82 31.94
N THR E 218 23.07 2.33 30.70
CA THR E 218 21.82 2.50 29.96
C THR E 218 20.67 1.77 30.63
N TYR E 219 20.92 0.53 31.09
CA TYR E 219 19.89 -0.21 31.82
C TYR E 219 19.49 0.51 33.09
N ASN E 220 20.47 1.08 33.81
CA ASN E 220 20.16 1.82 35.03
C ASN E 220 19.24 2.99 34.72
N ARG E 221 19.62 3.82 33.74
CA ARG E 221 18.84 5.01 33.42
C ARG E 221 17.42 4.63 32.99
N MET E 222 17.31 3.61 32.13
CA MET E 222 16.00 3.21 31.63
C MET E 222 15.11 2.71 32.78
N VAL E 223 15.58 1.70 33.51
CA VAL E 223 14.77 1.13 34.58
C VAL E 223 14.45 2.16 35.67
N ARG E 224 15.31 3.17 35.85
CA ARG E 224 14.96 4.24 36.78
C ARG E 224 13.93 5.19 36.21
N PHE E 225 13.89 5.34 34.88
CA PHE E 225 12.97 6.31 34.30
C PHE E 225 11.56 5.74 34.20
N ILE E 226 11.46 4.46 33.84
CA ILE E 226 10.14 3.84 33.61
C ILE E 226 9.28 3.88 34.87
N ILE E 227 9.89 3.74 36.04
CA ILE E 227 9.15 3.65 37.30
C ILE E 227 8.32 4.91 37.52
N ASN E 228 8.90 6.09 37.27
CA ASN E 228 8.20 7.34 37.55
C ASN E 228 6.94 7.48 36.70
N TYR E 229 7.02 7.10 35.42
CA TYR E 229 5.88 7.33 34.55
C TYR E 229 4.82 6.25 34.65
N VAL E 230 5.23 4.98 34.82
CA VAL E 230 4.23 3.92 34.86
C VAL E 230 4.44 3.01 36.07
N GLY E 231 5.70 2.81 36.46
CA GLY E 231 5.98 1.84 37.50
C GLY E 231 5.89 0.41 37.04
N LYS E 232 6.16 0.15 35.75
CA LYS E 232 6.11 -1.20 35.19
C LYS E 232 7.50 -1.84 35.26
N TRP E 233 7.93 -2.11 36.50
CA TRP E 233 9.25 -2.69 36.72
C TRP E 233 9.34 -4.09 36.13
N HIS E 234 8.29 -4.90 36.29
CA HIS E 234 8.30 -6.28 35.81
C HIS E 234 7.90 -6.27 34.34
N MET E 235 8.90 -6.22 33.47
CA MET E 235 8.70 -6.18 32.03
C MET E 235 9.60 -7.22 31.37
N GLN E 236 9.02 -7.95 30.41
CA GLN E 236 9.74 -9.05 29.77
C GLN E 236 11.01 -8.56 29.07
N THR E 237 10.94 -7.43 28.37
CA THR E 237 12.07 -6.95 27.59
C THR E 237 13.26 -6.61 28.48
N LEU E 238 13.01 -5.91 29.59
CA LEU E 238 14.10 -5.42 30.43
C LEU E 238 14.92 -6.54 31.06
N HIS E 239 14.36 -7.75 31.17
CA HIS E 239 15.14 -8.86 31.71
C HIS E 239 16.17 -9.37 30.71
N VAL E 240 15.86 -9.26 29.41
CA VAL E 240 16.74 -9.78 28.38
C VAL E 240 18.09 -9.07 28.42
N LEU E 241 18.07 -7.74 28.53
CA LEU E 241 19.33 -7.00 28.54
C LEU E 241 20.13 -7.30 29.80
N LEU E 242 19.46 -7.51 30.93
CA LEU E 242 20.15 -7.85 32.16
C LEU E 242 20.85 -9.20 32.05
N VAL E 243 20.12 -10.22 31.58
CA VAL E 243 20.75 -11.54 31.47
C VAL E 243 21.87 -11.53 30.44
N VAL E 244 21.70 -10.75 29.36
CA VAL E 244 22.74 -10.65 28.34
C VAL E 244 24.01 -10.04 28.92
N VAL E 245 23.87 -8.95 29.67
CA VAL E 245 25.05 -8.28 30.19
C VAL E 245 25.71 -9.13 31.27
N VAL E 246 24.92 -9.83 32.09
CA VAL E 246 25.49 -10.70 33.11
C VAL E 246 26.31 -11.82 32.46
N SER E 247 25.74 -12.46 31.43
CA SER E 247 26.47 -13.54 30.76
C SER E 247 27.74 -13.01 30.11
N PHE E 248 27.64 -11.87 29.42
CA PHE E 248 28.78 -11.30 28.71
C PHE E 248 29.90 -10.95 29.67
N ALA E 249 29.56 -10.44 30.86
CA ALA E 249 30.60 -10.13 31.83
C ALA E 249 31.20 -11.39 32.43
N SER E 250 30.37 -12.37 32.77
CA SER E 250 30.86 -13.52 33.51
C SER E 250 31.74 -14.41 32.62
N PHE E 251 31.24 -14.80 31.46
CA PHE E 251 31.91 -15.83 30.66
C PHE E 251 33.23 -15.36 30.06
N TRP E 252 33.28 -14.14 29.54
CA TRP E 252 34.50 -13.64 28.90
C TRP E 252 35.57 -13.21 29.88
N PHE E 253 35.32 -13.32 31.19
CA PHE E 253 36.24 -12.77 32.18
C PHE E 253 37.57 -13.52 32.27
N PRO E 254 37.61 -14.86 32.42
CA PRO E 254 38.90 -15.52 32.65
C PRO E 254 39.91 -15.34 31.53
N PHE E 255 39.48 -15.41 30.27
CA PHE E 255 40.40 -15.27 29.15
C PHE E 255 41.06 -13.89 29.15
N ASN E 256 40.26 -12.84 29.45
CA ASN E 256 40.83 -11.51 29.51
C ASN E 256 41.73 -11.34 30.72
N LEU E 257 41.43 -12.05 31.82
CA LEU E 257 42.34 -12.09 32.95
C LEU E 257 43.68 -12.69 32.56
N ALA E 258 43.64 -13.76 31.77
CA ALA E 258 44.86 -14.42 31.33
C ALA E 258 45.69 -13.49 30.45
N LEU E 259 45.05 -12.86 29.47
CA LEU E 259 45.77 -11.96 28.58
C LEU E 259 46.34 -10.77 29.35
N PHE E 260 45.59 -10.28 30.35
CA PHE E 260 46.05 -9.16 31.15
C PHE E 260 47.32 -9.52 31.92
N LEU E 261 47.22 -10.52 32.80
CA LEU E 261 48.39 -10.88 33.60
C LEU E 261 49.55 -11.33 32.73
N GLU E 262 49.27 -11.92 31.56
CA GLU E 262 50.34 -12.29 30.65
C GLU E 262 51.09 -11.06 30.15
N SER E 263 50.36 -10.04 29.72
CA SER E 263 51.03 -8.83 29.24
C SER E 263 51.78 -8.15 30.37
N ILE E 264 51.20 -8.15 31.57
CA ILE E 264 51.82 -7.47 32.71
C ILE E 264 53.13 -8.16 33.10
N ARG E 265 53.08 -9.50 33.24
CA ARG E 265 54.28 -10.24 33.61
C ARG E 265 55.33 -10.19 32.51
N LEU E 266 54.92 -10.28 31.24
CA LEU E 266 55.88 -10.17 30.15
C LEU E 266 56.58 -8.82 30.16
N LEU E 267 55.83 -7.75 30.47
CA LEU E 267 56.48 -6.45 30.58
C LEU E 267 57.41 -6.37 31.79
N ALA E 268 56.99 -6.91 32.94
CA ALA E 268 57.75 -6.68 34.16
C ALA E 268 58.86 -7.68 34.45
N GLY E 269 58.50 -8.86 34.97
CA GLY E 269 59.49 -9.88 35.31
C GLY E 269 59.27 -11.25 34.69
N VAL E 270 60.34 -12.05 34.60
CA VAL E 270 60.21 -13.36 33.95
C VAL E 270 59.32 -14.28 34.77
N TYR E 271 59.60 -14.41 36.07
CA TYR E 271 58.76 -15.12 37.05
C TYR E 271 58.28 -16.47 36.53
N ASN E 272 59.21 -17.28 36.01
CA ASN E 272 58.86 -18.48 35.27
C ASN E 272 58.10 -19.52 36.07
N ASP E 273 57.96 -19.37 37.38
CA ASP E 273 57.08 -20.23 38.17
C ASP E 273 55.63 -19.75 38.10
N THR E 274 55.35 -18.65 38.80
CA THR E 274 53.98 -18.17 38.94
C THR E 274 53.39 -17.81 37.58
N LEU E 275 54.21 -17.24 36.68
CA LEU E 275 53.72 -16.92 35.34
C LEU E 275 53.21 -18.16 34.64
N GLN E 276 54.01 -19.23 34.63
CA GLN E 276 53.63 -20.45 33.93
C GLN E 276 52.38 -21.05 34.54
N ASN E 277 52.36 -21.20 35.87
CA ASN E 277 51.22 -21.82 36.52
C ASN E 277 49.92 -21.03 36.31
N VAL E 278 49.99 -19.71 36.53
CA VAL E 278 48.81 -18.87 36.44
C VAL E 278 48.29 -18.83 35.00
N ILE E 279 49.19 -18.66 34.02
CA ILE E 279 48.76 -18.62 32.63
C ILE E 279 48.13 -19.96 32.24
N ILE E 280 48.77 -21.08 32.63
CA ILE E 280 48.25 -22.39 32.25
C ILE E 280 46.83 -22.57 32.77
N PHE E 281 46.65 -22.30 34.07
CA PHE E 281 45.34 -22.44 34.69
C PHE E 281 44.32 -21.53 34.01
N CYS E 282 44.71 -20.29 33.76
CA CYS E 282 43.76 -19.32 33.21
C CYS E 282 43.34 -19.65 31.78
N LEU E 283 44.29 -19.95 30.88
CA LEU E 283 43.86 -20.22 29.50
C LEU E 283 43.09 -21.52 29.41
N TYR E 284 43.38 -22.49 30.29
CA TYR E 284 42.74 -23.80 30.17
C TYR E 284 41.21 -23.67 30.26
N VAL E 285 40.71 -23.27 31.42
CA VAL E 285 39.25 -23.21 31.63
C VAL E 285 38.60 -22.21 30.67
N GLY E 286 39.27 -21.07 30.43
CA GLY E 286 38.77 -20.02 29.55
C GLY E 286 38.18 -20.44 28.22
N GLN E 287 39.03 -21.03 27.36
CA GLN E 287 38.61 -21.48 26.04
C GLN E 287 37.30 -22.26 26.12
N PHE E 288 37.23 -23.18 27.09
CA PHE E 288 36.05 -24.03 27.26
C PHE E 288 34.81 -23.18 27.51
N LEU E 289 34.95 -22.17 28.38
CA LEU E 289 33.84 -21.30 28.72
C LEU E 289 33.39 -20.49 27.51
N ALA E 290 34.34 -19.91 26.77
CA ALA E 290 33.99 -19.12 25.59
C ALA E 290 33.28 -19.98 24.56
N TYR E 291 33.78 -21.20 24.34
CA TYR E 291 33.13 -22.15 23.45
C TYR E 291 31.67 -22.37 23.86
N VAL E 292 31.47 -22.88 25.08
CA VAL E 292 30.13 -23.24 25.51
C VAL E 292 29.20 -22.02 25.48
N ARG E 293 29.69 -20.84 25.84
CA ARG E 293 28.84 -19.66 25.81
C ARG E 293 28.42 -19.33 24.38
N ALA E 294 29.36 -19.45 23.43
CA ALA E 294 29.00 -19.22 22.03
C ALA E 294 27.97 -20.22 21.57
N CYS E 295 28.07 -21.46 22.05
CA CYS E 295 27.11 -22.49 21.68
C CYS E 295 25.72 -22.20 22.23
N LEU E 296 25.63 -21.84 23.51
CA LEU E 296 24.34 -21.79 24.19
C LEU E 296 23.76 -20.38 24.35
N ASN E 297 24.40 -19.36 23.79
CA ASN E 297 23.93 -17.99 24.00
C ASN E 297 22.45 -17.77 23.64
N PRO E 298 21.93 -18.26 22.51
CA PRO E 298 20.48 -18.16 22.28
C PRO E 298 19.62 -18.85 23.33
N GLY E 299 20.19 -19.63 24.23
CA GLY E 299 19.38 -20.33 25.22
C GLY E 299 18.60 -19.40 26.13
N ILE E 300 19.22 -18.29 26.55
CA ILE E 300 18.54 -17.34 27.41
C ILE E 300 17.36 -16.69 26.70
N TYR E 301 17.41 -16.59 25.37
CA TYR E 301 16.34 -15.96 24.62
C TYR E 301 15.03 -16.71 24.78
N ILE E 302 15.08 -18.04 24.81
CA ILE E 302 13.88 -18.86 24.87
C ILE E 302 13.42 -19.06 26.31
N LEU E 303 14.37 -19.20 27.24
CA LEU E 303 14.00 -19.44 28.64
C LEU E 303 13.30 -18.24 29.25
N VAL E 304 13.72 -17.03 28.90
CA VAL E 304 13.20 -15.82 29.51
C VAL E 304 12.13 -15.17 28.64
N GLY E 305 12.35 -15.11 27.33
CA GLY E 305 11.46 -14.38 26.45
C GLY E 305 10.18 -15.13 26.18
N THR E 306 9.08 -14.66 26.78
CA THR E 306 7.79 -15.33 26.64
C THR E 306 7.35 -15.38 25.17
N GLN E 307 7.30 -14.23 24.52
CA GLN E 307 6.81 -14.17 23.14
C GLN E 307 7.71 -14.95 22.20
N MET E 308 9.03 -14.83 22.37
CA MET E 308 9.94 -15.49 21.43
C MET E 308 9.93 -17.01 21.63
N ARG E 309 9.74 -17.47 22.87
CA ARG E 309 9.61 -18.91 23.11
C ARG E 309 8.41 -19.48 22.39
N LYS E 310 7.26 -18.81 22.52
CA LYS E 310 6.03 -19.29 21.91
C LYS E 310 6.14 -19.24 20.38
N ASP E 311 6.58 -18.10 19.84
CA ASP E 311 6.79 -17.97 18.41
C ASP E 311 7.72 -19.04 17.88
N MET E 312 8.77 -19.40 18.64
CA MET E 312 9.70 -20.42 18.19
C MET E 312 9.08 -21.82 18.25
N TRP E 313 8.21 -22.08 19.23
CA TRP E 313 7.52 -23.36 19.24
C TRP E 313 6.54 -23.49 18.08
N THR E 314 5.79 -22.42 17.79
CA THR E 314 4.88 -22.46 16.65
C THR E 314 5.64 -22.59 15.33
N THR E 315 6.77 -21.90 15.20
CA THR E 315 7.55 -21.98 13.98
C THR E 315 8.05 -23.40 13.73
N LEU E 316 8.48 -24.08 14.79
CA LEU E 316 8.90 -25.48 14.67
C LEU E 316 7.70 -26.40 14.56
#